data_4GAE
#
_entry.id   4GAE
#
_cell.length_a   51.360
_cell.length_b   77.280
_cell.length_c   109.410
_cell.angle_alpha   90.00
_cell.angle_beta   91.50
_cell.angle_gamma   90.00
#
_symmetry.space_group_name_H-M   'P 1 21 1'
#
loop_
_entity.id
_entity.type
_entity.pdbx_description
1 polymer '1-deoxy-D-xylulose 5-phosphate reductoisomerase, apicoplast'
2 non-polymer 'NADPH DIHYDRO-NICOTINAMIDE-ADENINE-DINUCLEOTIDE PHOSPHATE'
3 non-polymer '[(1R)-3-[acetyl(hydroxy)amino]-1-(pyridin-4-yl)propyl]phosphonic acid'
4 non-polymer '[(1S)-3-[acetyl(hydroxy)amino]-1-(pyridin-4-yl)propyl]phosphonic acid'
5 non-polymer 'MANGANESE (II) ION'
6 non-polymer 'CHLORIDE ION'
7 non-polymer 'ACETATE ION'
8 non-polymer 1,2-ETHANEDIOL
9 water water
#
_entity_poly.entity_id   1
_entity_poly.type   'polypeptide(L)'
_entity_poly.pdbx_seq_one_letter_code
;MRGSHHHHHHGSKKPINVAIFGSTGSIGTNALNIIRECNKIENVFNVKALYVNKSVNELYEQAREFLPEYLCIHDKSVYE
ELKELVKNIKDYKPIILCGDEGMKEICSSNSIDKIVIGIDSFQGLYSTMYAIMNNKIVALANKESIVSAGFFLKKLLNIH
KNAKIIPVDSEHSAIFQCLDNNKVIKTKCLQDNFSKINNINKIFLCSSGGPFQNLTMDELKNVTSENALKHPKWKMGKKI
TIDSATMMNKGLEVIETHFLFDVDYNDIEVIVHKECIIHSCVEFIDKSVISQMYYPDMQIPILYSLTWPDRIKTNLKPLD
LAQVSTLTFHKPSLEHFPCIKLAYQAGIKGNFYPTVLNASNEIANNLFLNNKIKYFDISSIISQVLESFNSQKVSENSED
LMKQILQIHSWAKDKATDIYNKHNSS
;
_entity_poly.pdbx_strand_id   A,B
#
# COMPACT_ATOMS: atom_id res chain seq x y z
N HIS A 9 3.00 18.73 15.19
CA HIS A 9 2.23 19.71 14.37
C HIS A 9 3.08 20.92 14.01
N HIS A 10 4.09 21.20 14.83
CA HIS A 10 4.97 22.35 14.62
C HIS A 10 6.35 21.96 14.12
N GLY A 11 7.27 22.94 14.13
CA GLY A 11 8.62 22.70 13.68
C GLY A 11 9.55 22.20 14.77
N SER A 12 9.13 21.15 15.48
CA SER A 12 9.94 20.56 16.54
C SER A 12 11.08 19.79 15.87
N LYS A 13 12.01 20.56 15.30
CA LYS A 13 13.15 20.02 14.58
C LYS A 13 14.18 19.24 15.43
N LYS A 14 14.36 18.04 14.97
CA LYS A 14 15.32 17.09 15.47
C LYS A 14 16.02 16.62 14.22
N PRO A 15 17.02 17.44 13.79
CA PRO A 15 17.74 17.16 12.56
C PRO A 15 18.37 15.80 12.41
N ILE A 16 18.43 15.49 11.13
CA ILE A 16 18.92 14.26 10.55
C ILE A 16 20.23 14.51 9.80
N ASN A 17 21.33 14.08 10.40
CA ASN A 17 22.66 14.25 9.80
C ASN A 17 22.90 13.29 8.65
N VAL A 18 23.11 13.85 7.46
CA VAL A 18 23.26 13.06 6.25
C VAL A 18 24.48 13.31 5.37
N ALA A 19 24.99 12.24 4.76
CA ALA A 19 26.12 12.31 3.85
C ALA A 19 25.62 11.86 2.49
N ILE A 20 26.07 12.52 1.43
CA ILE A 20 25.66 12.18 0.05
C ILE A 20 26.86 11.71 -0.78
N PHE A 21 26.98 10.38 -0.99
CA PHE A 21 28.06 9.84 -1.80
C PHE A 21 27.58 9.80 -3.26
N GLY A 22 28.31 10.50 -4.12
CA GLY A 22 27.91 10.59 -5.52
C GLY A 22 26.89 11.72 -5.58
N SER A 23 27.23 12.84 -4.96
CA SER A 23 26.33 13.98 -4.90
C SER A 23 26.15 14.73 -6.19
N THR A 24 27.06 14.52 -7.14
CA THR A 24 26.98 15.22 -8.42
C THR A 24 26.28 14.43 -9.54
N GLY A 25 25.89 13.20 -9.23
CA GLY A 25 25.22 12.37 -10.23
C GLY A 25 23.71 12.51 -10.25
N SER A 26 23.04 11.56 -10.88
CA SER A 26 21.58 11.60 -10.96
C SER A 26 20.94 11.46 -9.58
N ILE A 27 21.32 10.41 -8.85
CA ILE A 27 20.78 10.20 -7.52
C ILE A 27 21.16 11.32 -6.57
N GLY A 28 22.43 11.70 -6.58
CA GLY A 28 22.90 12.77 -5.70
C GLY A 28 22.19 14.11 -5.92
N THR A 29 21.99 14.49 -7.17
CA THR A 29 21.33 15.75 -7.48
C THR A 29 19.88 15.70 -6.98
N ASN A 30 19.20 14.60 -7.28
CA ASN A 30 17.82 14.42 -6.86
C ASN A 30 17.74 14.38 -5.36
N ALA A 31 18.79 13.89 -4.72
CA ALA A 31 18.83 13.82 -3.27
C ALA A 31 18.87 15.22 -2.68
N LEU A 32 19.84 16.02 -3.10
CA LEU A 32 19.97 17.39 -2.61
C LEU A 32 18.72 18.19 -2.97
N ASN A 33 18.16 17.87 -4.14
CA ASN A 33 16.95 18.53 -4.60
C ASN A 33 15.84 18.43 -3.55
N ILE A 34 15.58 17.21 -3.09
CA ILE A 34 14.53 16.97 -2.11
C ILE A 34 14.89 17.45 -0.71
N ILE A 35 16.16 17.37 -0.35
CA ILE A 35 16.57 17.85 0.97
C ILE A 35 16.34 19.37 0.98
N ARG A 36 16.82 20.03 -0.07
CA ARG A 36 16.68 21.48 -0.20
C ARG A 36 15.23 21.91 -0.12
N GLU A 37 14.34 21.16 -0.75
CA GLU A 37 12.92 21.49 -0.75
C GLU A 37 12.23 21.25 0.59
N CYS A 38 12.52 20.13 1.23
CA CYS A 38 11.91 19.84 2.52
C CYS A 38 12.40 20.81 3.57
N ASN A 39 13.64 21.27 3.43
CA ASN A 39 14.20 22.20 4.40
C ASN A 39 13.58 23.59 4.33
N LYS A 40 12.85 23.88 3.25
CA LYS A 40 12.20 25.17 3.13
C LYS A 40 10.90 25.15 3.94
N ILE A 41 10.43 23.95 4.24
CA ILE A 41 9.19 23.76 5.01
C ILE A 41 9.51 23.71 6.50
N GLU A 42 10.52 22.91 6.86
CA GLU A 42 10.96 22.76 8.24
C GLU A 42 12.38 22.19 8.22
N ASN A 43 13.36 23.03 8.56
CA ASN A 43 14.75 22.63 8.55
C ASN A 43 14.99 21.36 9.37
N VAL A 44 15.06 20.23 8.68
CA VAL A 44 15.27 18.94 9.33
C VAL A 44 16.50 18.20 8.84
N PHE A 45 16.98 18.54 7.66
CA PHE A 45 18.15 17.88 7.11
C PHE A 45 19.41 18.71 7.17
N ASN A 46 20.47 18.12 7.68
CA ASN A 46 21.76 18.79 7.76
C ASN A 46 22.76 17.89 7.03
N VAL A 47 23.20 18.31 5.85
CA VAL A 47 24.16 17.52 5.09
C VAL A 47 25.55 17.75 5.69
N LYS A 48 26.14 16.67 6.21
CA LYS A 48 27.44 16.77 6.85
C LYS A 48 28.59 16.46 5.91
N ALA A 49 28.28 15.92 4.73
CA ALA A 49 29.34 15.57 3.81
C ALA A 49 28.87 15.29 2.40
N LEU A 50 29.69 15.70 1.45
CA LEU A 50 29.42 15.48 0.03
C LEU A 50 30.66 14.74 -0.44
N TYR A 51 30.51 13.92 -1.46
CA TYR A 51 31.63 13.13 -1.96
C TYR A 51 31.40 12.75 -3.41
N VAL A 52 32.30 13.20 -4.30
CA VAL A 52 32.19 12.90 -5.73
C VAL A 52 33.46 12.24 -6.26
N ASN A 53 33.55 12.10 -7.58
CA ASN A 53 34.71 11.48 -8.18
C ASN A 53 35.62 12.52 -8.81
N LYS A 54 35.20 13.08 -9.94
CA LYS A 54 36.01 14.09 -10.64
C LYS A 54 35.33 15.45 -10.76
N SER A 55 34.02 15.51 -10.61
CA SER A 55 33.27 16.77 -10.74
C SER A 55 33.56 17.76 -9.62
N VAL A 56 34.76 18.35 -9.65
CA VAL A 56 35.18 19.32 -8.65
C VAL A 56 34.44 20.65 -8.69
N ASN A 57 34.09 21.11 -9.89
CA ASN A 57 33.40 22.37 -10.00
C ASN A 57 31.94 22.28 -9.51
N GLU A 58 31.25 21.21 -9.86
CA GLU A 58 29.86 21.05 -9.41
C GLU A 58 29.83 20.80 -7.90
N LEU A 59 30.85 20.09 -7.41
CA LEU A 59 30.97 19.81 -5.99
C LEU A 59 31.22 21.13 -5.30
N TYR A 60 31.93 22.01 -5.99
CA TYR A 60 32.24 23.34 -5.48
C TYR A 60 30.95 24.11 -5.26
N GLU A 61 30.09 24.12 -6.28
CA GLU A 61 28.82 24.82 -6.21
C GLU A 61 27.91 24.24 -5.13
N GLN A 62 28.01 22.94 -4.88
CA GLN A 62 27.19 22.30 -3.87
C GLN A 62 27.68 22.66 -2.47
N ALA A 63 29.00 22.81 -2.31
CA ALA A 63 29.58 23.16 -1.02
C ALA A 63 29.18 24.60 -0.64
N ARG A 64 29.12 25.46 -1.64
CA ARG A 64 28.74 26.86 -1.45
C ARG A 64 27.30 26.95 -0.92
N GLU A 65 26.42 26.12 -1.46
CA GLU A 65 25.00 26.13 -1.07
C GLU A 65 24.67 25.41 0.24
N PHE A 66 25.21 24.21 0.43
CA PHE A 66 24.92 23.41 1.62
C PHE A 66 25.93 23.51 2.77
N LEU A 67 27.13 24.00 2.49
CA LEU A 67 28.14 24.17 3.53
C LEU A 67 28.33 22.94 4.43
N PRO A 68 28.61 21.78 3.83
CA PRO A 68 28.81 20.56 4.61
C PRO A 68 30.12 20.53 5.40
N GLU A 69 30.09 19.91 6.58
CA GLU A 69 31.28 19.81 7.42
C GLU A 69 32.40 19.04 6.72
N TYR A 70 32.03 18.12 5.83
CA TYR A 70 33.01 17.33 5.10
C TYR A 70 32.84 17.45 3.60
N LEU A 71 33.95 17.30 2.88
CA LEU A 71 33.97 17.33 1.43
C LEU A 71 35.03 16.30 1.07
N CYS A 72 34.80 15.55 0.01
CA CYS A 72 35.76 14.54 -0.40
C CYS A 72 35.72 14.33 -1.90
N ILE A 73 36.89 14.28 -2.51
CA ILE A 73 37.01 14.06 -3.94
C ILE A 73 37.82 12.77 -4.05
N HIS A 74 37.30 11.79 -4.78
CA HIS A 74 38.00 10.52 -4.90
C HIS A 74 39.28 10.55 -5.72
N ASP A 75 39.27 11.27 -6.83
CA ASP A 75 40.47 11.35 -7.65
C ASP A 75 41.46 12.36 -7.09
N LYS A 76 42.67 11.87 -6.80
CA LYS A 76 43.74 12.69 -6.25
C LYS A 76 44.18 13.85 -7.16
N SER A 77 44.06 13.65 -8.47
CA SER A 77 44.47 14.67 -9.44
C SER A 77 43.74 15.99 -9.30
N VAL A 78 42.55 15.97 -8.72
CA VAL A 78 41.79 17.20 -8.56
C VAL A 78 41.59 17.62 -7.11
N TYR A 79 42.26 16.93 -6.19
CA TYR A 79 42.18 17.24 -4.77
C TYR A 79 42.56 18.68 -4.51
N GLU A 80 43.74 19.09 -4.97
CA GLU A 80 44.21 20.46 -4.78
C GLU A 80 43.29 21.46 -5.46
N GLU A 81 42.88 21.17 -6.68
CA GLU A 81 41.99 22.06 -7.41
C GLU A 81 40.74 22.31 -6.58
N LEU A 82 40.30 21.29 -5.86
CA LEU A 82 39.12 21.44 -5.01
C LEU A 82 39.40 22.42 -3.88
N LYS A 83 40.49 22.17 -3.14
CA LYS A 83 40.87 23.04 -2.03
C LYS A 83 40.95 24.49 -2.45
N GLU A 84 41.28 24.71 -3.73
CA GLU A 84 41.40 26.05 -4.29
C GLU A 84 40.04 26.76 -4.33
N LEU A 85 39.17 26.28 -5.21
CA LEU A 85 37.83 26.84 -5.37
C LEU A 85 37.10 27.11 -4.05
N VAL A 86 37.20 26.17 -3.12
CA VAL A 86 36.53 26.29 -1.84
C VAL A 86 36.97 27.53 -1.04
N LYS A 87 38.22 27.96 -1.25
CA LYS A 87 38.77 29.12 -0.56
C LYS A 87 37.84 30.33 -0.59
N ASN A 88 37.35 30.66 -1.78
CA ASN A 88 36.46 31.79 -1.94
C ASN A 88 35.40 31.87 -0.84
N ILE A 89 34.65 30.79 -0.66
CA ILE A 89 33.60 30.72 0.36
C ILE A 89 34.11 31.20 1.71
N LYS A 90 33.56 32.31 2.18
CA LYS A 90 33.96 32.89 3.46
C LYS A 90 33.16 32.37 4.65
N ASP A 91 33.81 32.36 5.82
CA ASP A 91 33.20 31.85 7.05
C ASP A 91 32.82 30.40 6.81
N TYR A 92 33.77 29.62 6.33
CA TYR A 92 33.54 28.21 6.04
C TYR A 92 34.86 27.44 6.12
N LYS A 93 34.98 26.59 7.13
CA LYS A 93 36.18 25.77 7.32
C LYS A 93 35.86 24.29 7.35
N PRO A 94 35.55 23.70 6.18
CA PRO A 94 35.25 22.27 6.10
C PRO A 94 36.51 21.44 6.12
N ILE A 95 36.36 20.14 6.29
CA ILE A 95 37.50 19.24 6.29
C ILE A 95 37.58 18.61 4.91
N ILE A 96 38.43 19.15 4.04
CA ILE A 96 38.55 18.61 2.69
C ILE A 96 39.46 17.38 2.63
N LEU A 97 38.88 16.26 2.21
CA LEU A 97 39.60 14.99 2.11
C LEU A 97 39.66 14.45 0.68
N CYS A 98 40.36 13.35 0.49
CA CYS A 98 40.50 12.75 -0.84
C CYS A 98 40.53 11.22 -0.82
N GLY A 99 40.18 10.62 -1.96
CA GLY A 99 40.20 9.17 -2.12
C GLY A 99 39.59 8.28 -1.06
N ASP A 100 39.86 6.98 -1.18
CA ASP A 100 39.33 5.99 -0.25
C ASP A 100 39.49 6.43 1.19
N GLU A 101 40.64 7.01 1.50
CA GLU A 101 40.92 7.45 2.86
C GLU A 101 39.87 8.43 3.33
N GLY A 102 39.61 9.45 2.53
CA GLY A 102 38.63 10.45 2.91
C GLY A 102 37.23 9.87 3.07
N MET A 103 36.98 8.76 2.39
CA MET A 103 35.68 8.12 2.46
C MET A 103 35.52 7.31 3.73
N LYS A 104 36.61 6.70 4.20
CA LYS A 104 36.53 5.90 5.42
C LYS A 104 36.45 6.79 6.66
N GLU A 105 37.09 7.96 6.58
CA GLU A 105 37.07 8.90 7.69
C GLU A 105 35.69 9.49 7.86
N ILE A 106 34.99 9.68 6.74
CA ILE A 106 33.65 10.24 6.76
C ILE A 106 32.67 9.23 7.36
N CYS A 107 32.74 7.99 6.90
CA CYS A 107 31.85 6.94 7.41
C CYS A 107 32.04 6.75 8.90
N SER A 108 33.25 7.03 9.39
CA SER A 108 33.56 6.87 10.80
C SER A 108 33.13 8.04 11.68
N SER A 109 32.69 9.14 11.06
CA SER A 109 32.24 10.30 11.84
C SER A 109 31.07 9.93 12.74
N ASN A 110 30.98 10.59 13.89
CA ASN A 110 29.88 10.33 14.83
C ASN A 110 28.79 11.38 14.63
N SER A 111 29.06 12.34 13.75
CA SER A 111 28.10 13.40 13.48
C SER A 111 27.23 13.07 12.28
N ILE A 112 27.42 11.87 11.73
CA ILE A 112 26.66 11.42 10.58
C ILE A 112 25.81 10.18 10.93
N ASP A 113 24.54 10.21 10.54
CA ASP A 113 23.63 9.10 10.81
C ASP A 113 23.22 8.31 9.57
N LYS A 114 22.90 9.03 8.50
CA LYS A 114 22.45 8.43 7.25
C LYS A 114 23.39 8.76 6.10
N ILE A 115 23.71 7.76 5.30
CA ILE A 115 24.58 7.95 4.14
C ILE A 115 23.86 7.50 2.88
N VAL A 116 23.60 8.44 1.97
CA VAL A 116 22.93 8.11 0.70
C VAL A 116 24.03 7.65 -0.25
N ILE A 117 23.92 6.43 -0.76
CA ILE A 117 24.94 5.93 -1.68
C ILE A 117 24.45 6.07 -3.11
N GLY A 118 25.00 7.08 -3.80
CA GLY A 118 24.63 7.32 -5.17
C GLY A 118 25.76 7.05 -6.16
N ILE A 119 26.74 6.27 -5.72
CA ILE A 119 27.87 5.91 -6.56
C ILE A 119 27.44 4.76 -7.46
N ASP A 120 27.75 4.87 -8.75
CA ASP A 120 27.34 3.83 -9.70
C ASP A 120 28.28 2.64 -9.82
N SER A 121 27.80 1.63 -10.55
CA SER A 121 28.53 0.41 -10.83
C SER A 121 29.06 -0.35 -9.62
N PHE A 122 30.10 -1.15 -9.86
CA PHE A 122 30.72 -1.95 -8.81
C PHE A 122 31.39 -1.11 -7.73
N GLN A 123 31.91 0.06 -8.12
CA GLN A 123 32.60 0.96 -7.20
C GLN A 123 31.80 1.27 -5.93
N GLY A 124 30.48 1.42 -6.08
CA GLY A 124 29.65 1.74 -4.93
C GLY A 124 29.75 0.77 -3.76
N LEU A 125 30.18 -0.46 -4.03
CA LEU A 125 30.31 -1.47 -2.99
C LEU A 125 31.30 -1.09 -1.87
N TYR A 126 32.35 -0.35 -2.21
CA TYR A 126 33.34 0.03 -1.20
C TYR A 126 32.77 0.90 -0.08
N SER A 127 32.17 2.03 -0.44
CA SER A 127 31.60 2.90 0.59
C SER A 127 30.40 2.22 1.25
N THR A 128 29.71 1.36 0.51
CA THR A 128 28.56 0.67 1.09
C THR A 128 29.01 -0.22 2.23
N MET A 129 30.08 -0.99 2.02
CA MET A 129 30.56 -1.88 3.05
C MET A 129 31.17 -1.13 4.22
N TYR A 130 31.69 0.07 3.96
CA TYR A 130 32.28 0.85 5.04
C TYR A 130 31.25 1.61 5.85
N ALA A 131 30.13 1.95 5.22
CA ALA A 131 29.06 2.65 5.92
C ALA A 131 28.44 1.64 6.89
N ILE A 132 28.26 0.42 6.42
CA ILE A 132 27.71 -0.65 7.25
C ILE A 132 28.64 -0.97 8.42
N MET A 133 29.94 -0.99 8.14
CA MET A 133 30.94 -1.28 9.16
C MET A 133 30.95 -0.23 10.25
N ASN A 134 30.41 0.94 9.97
CA ASN A 134 30.35 2.01 10.96
C ASN A 134 28.95 2.14 11.54
N ASN A 135 28.17 1.08 11.39
CA ASN A 135 26.79 1.00 11.88
C ASN A 135 25.91 2.18 11.49
N LYS A 136 26.03 2.62 10.24
CA LYS A 136 25.23 3.74 9.77
C LYS A 136 23.97 3.27 9.06
N ILE A 137 23.06 4.19 8.78
CA ILE A 137 21.85 3.88 8.04
C ILE A 137 22.29 4.09 6.60
N VAL A 138 22.21 3.04 5.77
CA VAL A 138 22.61 3.18 4.39
C VAL A 138 21.43 3.25 3.41
N ALA A 139 21.11 4.46 2.95
CA ALA A 139 20.04 4.63 1.97
C ALA A 139 20.73 4.23 0.68
N LEU A 140 20.73 2.94 0.40
CA LEU A 140 21.42 2.40 -0.77
C LEU A 140 20.64 2.48 -2.08
N ALA A 141 21.18 3.20 -3.05
CA ALA A 141 20.53 3.31 -4.35
C ALA A 141 21.26 2.37 -5.32
N ASN A 142 22.55 2.17 -5.07
CA ASN A 142 23.40 1.34 -5.90
C ASN A 142 23.03 -0.15 -5.81
N LYS A 143 22.35 -0.63 -6.84
CA LYS A 143 21.92 -2.03 -6.88
C LYS A 143 23.06 -3.02 -7.12
N GLU A 144 24.11 -2.59 -7.82
CA GLU A 144 25.22 -3.50 -8.10
C GLU A 144 25.86 -4.10 -6.86
N SER A 145 26.13 -3.27 -5.86
CA SER A 145 26.76 -3.77 -4.64
C SER A 145 25.92 -4.88 -4.01
N ILE A 146 24.63 -4.91 -4.32
CA ILE A 146 23.74 -5.93 -3.79
C ILE A 146 23.70 -7.21 -4.63
N VAL A 147 23.79 -7.07 -5.94
CA VAL A 147 23.75 -8.23 -6.83
C VAL A 147 25.01 -9.06 -6.77
N SER A 148 26.15 -8.39 -6.69
CA SER A 148 27.43 -9.09 -6.68
C SER A 148 28.02 -9.36 -5.30
N ALA A 149 27.35 -8.90 -4.24
CA ALA A 149 27.84 -9.11 -2.90
C ALA A 149 26.70 -9.36 -1.92
N GLY A 150 25.55 -9.76 -2.45
CA GLY A 150 24.38 -10.02 -1.63
C GLY A 150 24.64 -10.79 -0.34
N PHE A 151 25.18 -12.00 -0.43
CA PHE A 151 25.41 -12.77 0.77
C PHE A 151 26.60 -12.28 1.61
N PHE A 152 27.44 -11.44 1.03
CA PHE A 152 28.57 -10.87 1.77
C PHE A 152 27.99 -9.80 2.68
N LEU A 153 27.13 -8.96 2.11
CA LEU A 153 26.50 -7.89 2.87
C LEU A 153 25.64 -8.48 3.97
N LYS A 154 25.00 -9.60 3.68
CA LYS A 154 24.14 -10.25 4.65
C LYS A 154 24.96 -10.62 5.88
N LYS A 155 26.15 -11.19 5.68
CA LYS A 155 27.03 -11.56 6.78
C LYS A 155 27.52 -10.32 7.51
N LEU A 156 27.85 -9.29 6.73
CA LEU A 156 28.34 -8.03 7.26
C LEU A 156 27.31 -7.36 8.17
N LEU A 157 26.04 -7.42 7.77
CA LEU A 157 24.96 -6.83 8.57
C LEU A 157 24.63 -7.65 9.80
N ASN A 158 25.08 -8.89 9.85
CA ASN A 158 24.83 -9.72 11.02
C ASN A 158 25.90 -9.41 12.08
N ILE A 159 27.00 -8.84 11.64
CA ILE A 159 28.10 -8.49 12.54
C ILE A 159 27.91 -7.07 13.04
N HIS A 160 27.43 -6.19 12.15
CA HIS A 160 27.21 -4.79 12.51
C HIS A 160 25.70 -4.59 12.64
N LYS A 161 25.17 -5.15 13.73
CA LYS A 161 23.76 -5.16 14.06
C LYS A 161 23.03 -3.83 14.09
N ASN A 162 23.75 -2.73 14.23
CA ASN A 162 23.10 -1.43 14.24
C ASN A 162 23.06 -0.81 12.86
N ALA A 163 23.86 -1.34 11.93
CA ALA A 163 23.85 -0.84 10.56
C ALA A 163 22.57 -1.32 9.87
N LYS A 164 22.06 -0.50 8.96
CA LYS A 164 20.85 -0.86 8.23
C LYS A 164 20.90 -0.39 6.79
N ILE A 165 20.31 -1.19 5.90
CA ILE A 165 20.24 -0.83 4.51
C ILE A 165 18.79 -0.51 4.19
N ILE A 166 18.51 0.76 3.89
CA ILE A 166 17.17 1.17 3.48
C ILE A 166 17.32 1.31 1.96
N PRO A 167 16.46 0.66 1.18
CA PRO A 167 16.53 0.73 -0.29
C PRO A 167 16.01 2.03 -0.92
N VAL A 168 16.77 2.55 -1.88
CA VAL A 168 16.40 3.78 -2.58
C VAL A 168 15.92 3.44 -3.99
N ASP A 169 16.36 2.31 -4.52
CA ASP A 169 15.93 1.90 -5.85
C ASP A 169 14.41 2.04 -5.79
N SER A 170 13.81 2.73 -6.77
CA SER A 170 12.37 2.97 -6.74
C SER A 170 11.46 1.76 -6.47
N GLU A 171 11.59 0.68 -7.24
CA GLU A 171 10.74 -0.47 -7.01
C GLU A 171 10.84 -1.04 -5.60
N HIS A 172 12.07 -1.13 -5.11
CA HIS A 172 12.32 -1.69 -3.79
C HIS A 172 11.92 -0.72 -2.67
N SER A 173 11.90 0.57 -2.99
CA SER A 173 11.46 1.54 -2.00
C SER A 173 9.96 1.30 -1.88
N ALA A 174 9.33 1.09 -3.05
CA ALA A 174 7.89 0.84 -3.11
C ALA A 174 7.47 -0.33 -2.21
N ILE A 175 8.15 -1.46 -2.39
CA ILE A 175 7.87 -2.65 -1.60
C ILE A 175 8.00 -2.37 -0.10
N PHE A 176 9.10 -1.73 0.27
CA PHE A 176 9.40 -1.40 1.65
C PHE A 176 8.33 -0.48 2.24
N GLN A 177 7.86 0.48 1.44
CA GLN A 177 6.84 1.42 1.89
C GLN A 177 5.49 0.75 2.11
N CYS A 178 5.30 -0.42 1.54
CA CYS A 178 4.04 -1.14 1.66
C CYS A 178 3.97 -2.07 2.87
N LEU A 179 5.00 -2.04 3.70
CA LEU A 179 5.06 -2.93 4.86
C LEU A 179 4.65 -2.25 6.16
N ASP A 180 4.24 -3.06 7.14
CA ASP A 180 3.87 -2.54 8.43
C ASP A 180 5.19 -2.48 9.17
N ASN A 181 5.55 -1.29 9.65
CA ASN A 181 6.82 -1.16 10.33
C ASN A 181 6.90 -1.83 11.69
N ASN A 182 5.76 -2.22 12.26
CA ASN A 182 5.80 -2.92 13.54
C ASN A 182 6.36 -4.34 13.32
N LYS A 183 6.33 -4.81 12.07
CA LYS A 183 6.88 -6.13 11.73
C LYS A 183 8.31 -5.96 11.21
N VAL A 184 8.53 -4.88 10.46
CA VAL A 184 9.85 -4.58 9.91
C VAL A 184 10.90 -4.38 11.02
N ILE A 185 10.50 -3.78 12.13
CA ILE A 185 11.43 -3.54 13.25
C ILE A 185 12.01 -4.81 13.86
N LYS A 186 11.28 -5.92 13.71
CA LYS A 186 11.72 -7.20 14.25
C LYS A 186 12.83 -7.81 13.39
N THR A 187 13.10 -7.16 12.27
CA THR A 187 14.13 -7.65 11.36
C THR A 187 14.75 -6.46 10.66
N LYS A 188 15.18 -6.66 9.43
CA LYS A 188 15.79 -5.59 8.64
C LYS A 188 16.15 -6.12 7.26
N CYS A 189 16.27 -5.24 6.28
CA CYS A 189 16.58 -5.64 4.93
C CYS A 189 17.84 -6.47 4.78
N LEU A 190 17.79 -7.41 3.82
CA LEU A 190 18.91 -8.27 3.52
C LEU A 190 19.27 -9.18 4.67
N GLN A 191 18.25 -9.78 5.28
CA GLN A 191 18.43 -10.69 6.40
C GLN A 191 17.47 -11.87 6.17
N ASP A 192 17.94 -13.08 6.45
CA ASP A 192 17.11 -14.27 6.26
C ASP A 192 15.76 -14.14 6.95
N ASN A 193 14.74 -14.71 6.33
CA ASN A 193 13.38 -14.69 6.87
C ASN A 193 12.71 -13.31 6.92
N PHE A 194 13.24 -12.34 6.18
CA PHE A 194 12.63 -11.00 6.16
C PHE A 194 11.20 -11.09 5.65
N SER A 195 11.02 -11.83 4.55
CA SER A 195 9.70 -11.99 3.95
C SER A 195 8.73 -12.76 4.86
N LYS A 196 9.24 -13.71 5.63
CA LYS A 196 8.39 -14.48 6.53
C LYS A 196 7.89 -13.64 7.70
N ILE A 197 8.78 -12.85 8.28
CA ILE A 197 8.43 -12.00 9.42
C ILE A 197 7.38 -10.97 8.99
N ASN A 198 7.45 -10.57 7.72
CA ASN A 198 6.53 -9.58 7.18
C ASN A 198 5.36 -10.22 6.40
N ASN A 199 5.27 -11.56 6.46
CA ASN A 199 4.22 -12.31 5.77
C ASN A 199 4.08 -11.99 4.28
N ILE A 200 5.22 -11.79 3.63
CA ILE A 200 5.25 -11.51 2.20
C ILE A 200 5.20 -12.83 1.41
N ASN A 201 4.22 -12.95 0.53
CA ASN A 201 4.07 -14.16 -0.26
C ASN A 201 4.67 -14.02 -1.65
N LYS A 202 4.49 -12.87 -2.26
CA LYS A 202 4.97 -12.65 -3.60
C LYS A 202 5.15 -11.16 -3.93
N ILE A 203 6.00 -10.89 -4.90
CA ILE A 203 6.30 -9.54 -5.32
C ILE A 203 6.01 -9.30 -6.81
N PHE A 204 5.39 -8.17 -7.11
CA PHE A 204 5.10 -7.78 -8.48
C PHE A 204 6.13 -6.68 -8.74
N LEU A 205 7.14 -6.99 -9.55
CA LEU A 205 8.18 -6.02 -9.85
C LEU A 205 7.88 -5.28 -11.15
N CYS A 206 7.48 -4.02 -11.03
CA CYS A 206 7.11 -3.18 -12.17
C CYS A 206 8.30 -2.65 -12.98
N SER A 207 8.06 -2.45 -14.27
CA SER A 207 9.08 -1.95 -15.17
C SER A 207 8.47 -1.03 -16.21
N SER A 208 9.20 0.03 -16.58
CA SER A 208 8.73 0.95 -17.60
C SER A 208 8.73 0.20 -18.93
N GLY A 209 9.52 -0.86 -19.00
CA GLY A 209 9.59 -1.63 -20.22
C GLY A 209 10.71 -1.14 -21.12
N GLY A 210 11.06 0.14 -20.97
CA GLY A 210 12.12 0.70 -21.77
C GLY A 210 11.65 1.22 -23.11
N PRO A 211 12.58 1.65 -23.98
CA PRO A 211 12.20 2.17 -25.30
C PRO A 211 11.98 1.14 -26.40
N PHE A 212 12.40 -0.11 -26.20
CA PHE A 212 12.26 -1.13 -27.23
C PHE A 212 11.09 -2.09 -27.03
N GLN A 213 10.18 -1.75 -26.13
CA GLN A 213 9.04 -2.60 -25.81
C GLN A 213 8.11 -3.00 -26.96
N ASN A 214 8.05 -2.19 -28.02
CA ASN A 214 7.16 -2.53 -29.13
C ASN A 214 7.87 -2.92 -30.43
N LEU A 215 9.18 -3.16 -30.34
CA LEU A 215 9.96 -3.54 -31.51
C LEU A 215 9.97 -5.05 -31.71
N THR A 216 10.05 -5.45 -32.98
CA THR A 216 10.10 -6.87 -33.34
C THR A 216 11.50 -7.40 -33.07
N MET A 217 11.67 -8.72 -33.16
CA MET A 217 12.98 -9.32 -32.95
C MET A 217 13.96 -8.79 -34.02
N ASP A 218 13.52 -8.77 -35.27
CA ASP A 218 14.38 -8.30 -36.36
C ASP A 218 14.74 -6.83 -36.21
N GLU A 219 13.87 -6.07 -35.55
CA GLU A 219 14.15 -4.66 -35.34
C GLU A 219 15.20 -4.51 -34.24
N LEU A 220 15.00 -5.27 -33.16
CA LEU A 220 15.90 -5.24 -32.02
C LEU A 220 17.37 -5.46 -32.42
N LYS A 221 17.60 -6.39 -33.33
CA LYS A 221 18.95 -6.71 -33.78
C LYS A 221 19.77 -5.48 -34.17
N ASN A 222 19.12 -4.50 -34.81
CA ASN A 222 19.79 -3.30 -35.25
C ASN A 222 19.58 -2.03 -34.45
N VAL A 223 19.05 -2.14 -33.23
CA VAL A 223 18.87 -0.94 -32.42
C VAL A 223 20.24 -0.55 -31.88
N THR A 224 20.40 0.73 -31.52
CA THR A 224 21.68 1.20 -31.00
C THR A 224 21.56 1.95 -29.69
N SER A 225 22.72 2.17 -29.06
CA SER A 225 22.78 2.87 -27.79
C SER A 225 22.20 4.27 -27.87
N GLU A 226 22.28 4.89 -29.04
CA GLU A 226 21.74 6.23 -29.21
C GLU A 226 20.22 6.19 -29.07
N ASN A 227 19.61 5.15 -29.65
CA ASN A 227 18.17 4.98 -29.60
C ASN A 227 17.72 4.63 -28.19
N ALA A 228 18.64 4.09 -27.40
CA ALA A 228 18.32 3.68 -26.02
C ALA A 228 18.57 4.77 -24.99
N LEU A 229 19.45 5.72 -25.32
CA LEU A 229 19.79 6.80 -24.39
C LEU A 229 18.85 8.02 -24.45
N LYS A 230 17.77 7.92 -25.21
CA LYS A 230 16.83 9.04 -25.35
C LYS A 230 15.54 8.86 -24.55
N HIS A 231 15.69 8.54 -23.27
CA HIS A 231 14.55 8.38 -22.41
C HIS A 231 13.81 9.67 -22.24
N PRO A 232 12.63 9.72 -22.74
CA PRO A 232 11.86 10.95 -22.62
C PRO A 232 11.51 11.53 -21.26
N LYS A 233 11.95 11.09 -20.08
CA LYS A 233 11.40 11.88 -18.96
C LYS A 233 12.44 12.47 -18.02
N TRP A 234 13.41 11.71 -17.59
CA TRP A 234 14.42 12.33 -16.77
C TRP A 234 15.80 11.72 -17.01
N LYS A 235 16.82 12.39 -16.51
CA LYS A 235 18.22 12.01 -16.68
C LYS A 235 18.78 10.99 -15.69
N MET A 236 19.38 9.94 -16.23
CA MET A 236 20.00 8.89 -15.43
C MET A 236 21.34 8.51 -16.07
N GLY A 237 22.22 7.91 -15.28
CA GLY A 237 23.51 7.49 -15.78
C GLY A 237 23.38 6.69 -17.07
N LYS A 238 24.46 6.61 -17.84
CA LYS A 238 24.41 5.89 -19.11
C LYS A 238 24.30 4.37 -18.96
N LYS A 239 24.89 3.81 -17.90
CA LYS A 239 24.81 2.37 -17.73
C LYS A 239 23.37 1.92 -17.49
N ILE A 240 22.77 2.44 -16.42
CA ILE A 240 21.40 2.07 -16.09
C ILE A 240 20.44 2.36 -17.23
N THR A 241 20.70 3.40 -18.01
CA THR A 241 19.81 3.71 -19.11
C THR A 241 19.86 2.62 -20.17
N ILE A 242 21.05 2.05 -20.39
CA ILE A 242 21.20 0.95 -21.36
C ILE A 242 20.61 -0.32 -20.75
N ASP A 243 20.83 -0.51 -19.44
CA ASP A 243 20.32 -1.66 -18.72
C ASP A 243 18.81 -1.69 -18.75
N SER A 244 18.21 -0.51 -18.79
CA SER A 244 16.76 -0.37 -18.84
C SER A 244 16.27 -0.74 -20.24
N ALA A 245 17.03 -0.39 -21.27
CA ALA A 245 16.64 -0.72 -22.62
C ALA A 245 16.61 -2.24 -22.82
N THR A 246 17.64 -2.93 -22.34
CA THR A 246 17.72 -4.40 -22.47
C THR A 246 16.95 -5.11 -21.36
N MET A 247 16.44 -4.33 -20.41
CA MET A 247 15.71 -4.85 -19.26
C MET A 247 16.61 -5.71 -18.37
N MET A 248 17.91 -5.51 -18.49
CA MET A 248 18.84 -6.23 -17.64
C MET A 248 18.73 -5.54 -16.28
N ASN A 249 18.36 -4.26 -16.30
CA ASN A 249 18.18 -3.53 -15.05
C ASN A 249 17.15 -4.28 -14.18
N LYS A 250 16.05 -4.69 -14.80
CA LYS A 250 15.00 -5.40 -14.10
C LYS A 250 15.50 -6.76 -13.61
N GLY A 251 16.31 -7.42 -14.43
CA GLY A 251 16.84 -8.70 -14.01
C GLY A 251 17.72 -8.52 -12.79
N LEU A 252 18.49 -7.44 -12.77
CA LEU A 252 19.35 -7.14 -11.62
C LEU A 252 18.45 -6.83 -10.42
N GLU A 253 17.37 -6.09 -10.66
CA GLU A 253 16.44 -5.75 -9.59
C GLU A 253 15.72 -7.00 -9.07
N VAL A 254 15.64 -8.04 -9.90
CA VAL A 254 15.02 -9.28 -9.46
C VAL A 254 15.90 -9.86 -8.35
N ILE A 255 17.19 -9.97 -8.63
CA ILE A 255 18.15 -10.49 -7.65
C ILE A 255 18.20 -9.53 -6.43
N GLU A 256 18.17 -8.23 -6.69
CA GLU A 256 18.21 -7.24 -5.61
C GLU A 256 17.03 -7.47 -4.66
N THR A 257 15.88 -7.78 -5.24
CA THR A 257 14.67 -8.05 -4.47
C THR A 257 14.85 -9.28 -3.61
N HIS A 258 15.39 -10.32 -4.23
CA HIS A 258 15.63 -11.59 -3.54
C HIS A 258 16.52 -11.42 -2.30
N PHE A 259 17.57 -10.62 -2.43
CA PHE A 259 18.47 -10.41 -1.32
C PHE A 259 17.95 -9.42 -0.28
N LEU A 260 17.30 -8.35 -0.73
CA LEU A 260 16.79 -7.34 0.19
C LEU A 260 15.63 -7.84 1.03
N PHE A 261 14.76 -8.64 0.43
CA PHE A 261 13.59 -9.08 1.16
C PHE A 261 13.49 -10.58 1.36
N ASP A 262 14.51 -11.30 0.92
CA ASP A 262 14.55 -12.75 1.07
C ASP A 262 13.36 -13.42 0.42
N VAL A 263 12.97 -12.92 -0.76
CA VAL A 263 11.84 -13.48 -1.49
C VAL A 263 12.33 -14.47 -2.54
N ASP A 264 11.73 -15.67 -2.57
CA ASP A 264 12.12 -16.67 -3.56
C ASP A 264 11.95 -16.16 -4.98
N TYR A 265 12.83 -16.61 -5.87
CA TYR A 265 12.78 -16.21 -7.27
C TYR A 265 11.46 -16.58 -7.93
N ASN A 266 10.94 -17.75 -7.59
CA ASN A 266 9.67 -18.19 -8.17
C ASN A 266 8.50 -17.40 -7.59
N ASP A 267 8.81 -16.45 -6.72
CA ASP A 267 7.81 -15.59 -6.10
C ASP A 267 8.04 -14.11 -6.47
N ILE A 268 8.77 -13.90 -7.56
CA ILE A 268 9.03 -12.56 -8.07
C ILE A 268 8.55 -12.52 -9.51
N GLU A 269 7.54 -11.70 -9.79
CA GLU A 269 6.99 -11.57 -11.14
C GLU A 269 7.28 -10.20 -11.73
N VAL A 270 7.99 -10.17 -12.85
CA VAL A 270 8.31 -8.92 -13.52
C VAL A 270 7.14 -8.52 -14.38
N ILE A 271 6.59 -7.33 -14.14
CA ILE A 271 5.47 -6.84 -14.93
C ILE A 271 5.79 -5.50 -15.57
N VAL A 272 5.40 -5.33 -16.82
CA VAL A 272 5.65 -4.11 -17.57
C VAL A 272 4.48 -3.14 -17.45
N HIS A 273 4.75 -2.00 -16.83
CA HIS A 273 3.77 -0.97 -16.59
C HIS A 273 4.33 0.36 -17.11
N LYS A 274 4.07 0.64 -18.39
CA LYS A 274 4.60 1.84 -19.02
C LYS A 274 4.27 3.23 -18.46
N GLU A 275 3.15 3.37 -17.76
CA GLU A 275 2.80 4.67 -17.19
C GLU A 275 3.72 4.99 -15.99
N CYS A 276 4.30 3.96 -15.41
CA CYS A 276 5.20 4.10 -14.27
C CYS A 276 4.61 4.84 -13.09
N ILE A 277 3.35 4.53 -12.76
CA ILE A 277 2.67 5.14 -11.63
C ILE A 277 2.75 4.16 -10.47
N ILE A 278 2.35 2.92 -10.69
CA ILE A 278 2.43 1.90 -9.65
C ILE A 278 3.88 1.40 -9.72
N HIS A 279 4.69 1.78 -8.74
CA HIS A 279 6.11 1.42 -8.74
C HIS A 279 6.49 0.00 -8.32
N SER A 280 5.52 -0.77 -7.83
CA SER A 280 5.70 -2.17 -7.41
C SER A 280 4.62 -2.54 -6.42
N CYS A 281 4.31 -3.83 -6.35
CA CYS A 281 3.27 -4.33 -5.48
C CYS A 281 3.76 -5.49 -4.62
N VAL A 282 3.18 -5.60 -3.43
CA VAL A 282 3.56 -6.66 -2.49
C VAL A 282 2.34 -7.53 -2.17
N GLU A 283 2.42 -8.81 -2.47
CA GLU A 283 1.32 -9.71 -2.17
C GLU A 283 1.59 -10.42 -0.83
N PHE A 284 0.70 -10.24 0.15
CA PHE A 284 0.85 -10.89 1.45
C PHE A 284 0.21 -12.27 1.45
N ILE A 285 0.48 -13.08 2.48
CA ILE A 285 -0.06 -14.45 2.52
C ILE A 285 -1.58 -14.61 2.45
N ASP A 286 -2.34 -13.54 2.69
CA ASP A 286 -3.79 -13.65 2.61
C ASP A 286 -4.21 -13.37 1.18
N LYS A 287 -3.23 -12.98 0.37
CA LYS A 287 -3.41 -12.68 -1.05
C LYS A 287 -3.77 -11.22 -1.29
N SER A 288 -3.76 -10.45 -0.22
CA SER A 288 -4.08 -9.03 -0.32
C SER A 288 -2.84 -8.40 -0.95
N VAL A 289 -3.04 -7.43 -1.83
CA VAL A 289 -1.89 -6.80 -2.47
C VAL A 289 -1.85 -5.31 -2.14
N ILE A 290 -0.70 -4.84 -1.69
CA ILE A 290 -0.53 -3.42 -1.36
C ILE A 290 0.54 -2.89 -2.29
N SER A 291 0.31 -1.69 -2.84
CA SER A 291 1.31 -1.12 -3.74
C SER A 291 1.56 0.35 -3.43
N GLN A 292 2.69 0.86 -3.91
CA GLN A 292 3.04 2.26 -3.71
C GLN A 292 2.99 2.91 -5.08
N MET A 293 2.38 4.08 -5.16
CA MET A 293 2.28 4.76 -6.44
C MET A 293 2.48 6.27 -6.36
N TYR A 294 3.01 6.82 -7.45
CA TYR A 294 3.25 8.26 -7.58
C TYR A 294 3.79 8.48 -8.99
N TYR A 295 4.05 9.74 -9.32
CA TYR A 295 4.62 10.04 -10.63
C TYR A 295 6.03 9.47 -10.54
N PRO A 296 6.61 9.03 -11.68
CA PRO A 296 7.97 8.50 -11.62
C PRO A 296 8.92 9.61 -11.24
N ASP A 297 9.34 9.61 -9.99
CA ASP A 297 10.20 10.67 -9.45
C ASP A 297 11.03 10.12 -8.28
N MET A 298 12.34 9.99 -8.49
CA MET A 298 13.22 9.46 -7.44
C MET A 298 13.25 10.25 -6.13
N GLN A 299 12.61 11.41 -6.06
CA GLN A 299 12.64 12.17 -4.81
C GLN A 299 11.97 11.46 -3.64
N ILE A 300 10.83 10.82 -3.89
CA ILE A 300 10.07 10.10 -2.86
C ILE A 300 10.89 8.95 -2.26
N PRO A 301 11.35 8.01 -3.10
CA PRO A 301 12.12 6.91 -2.53
C PRO A 301 13.37 7.35 -1.79
N ILE A 302 14.02 8.41 -2.28
CA ILE A 302 15.21 8.94 -1.64
C ILE A 302 14.80 9.54 -0.30
N LEU A 303 13.80 10.42 -0.36
CA LEU A 303 13.31 11.06 0.86
C LEU A 303 12.85 10.02 1.90
N TYR A 304 12.19 8.96 1.43
CA TYR A 304 11.70 7.94 2.35
C TYR A 304 12.80 7.20 3.12
N SER A 305 13.91 6.94 2.44
CA SER A 305 15.01 6.22 3.06
C SER A 305 15.65 7.00 4.20
N LEU A 306 15.42 8.32 4.20
CA LEU A 306 15.97 9.21 5.22
C LEU A 306 14.97 9.57 6.32
N THR A 307 13.68 9.34 6.08
CA THR A 307 12.67 9.65 7.08
C THR A 307 12.19 8.39 7.82
N TRP A 308 12.26 7.24 7.16
CA TRP A 308 11.83 5.97 7.76
C TRP A 308 12.33 5.84 9.20
N PRO A 309 11.50 5.33 10.12
CA PRO A 309 10.12 4.84 9.95
C PRO A 309 9.04 5.92 9.89
N ASP A 310 9.45 7.17 9.74
CA ASP A 310 8.50 8.27 9.66
C ASP A 310 8.40 8.81 8.24
N ARG A 311 7.54 9.78 8.05
CA ARG A 311 7.35 10.45 6.77
C ARG A 311 7.25 11.91 7.14
N ILE A 312 7.65 12.79 6.23
CA ILE A 312 7.58 14.21 6.50
C ILE A 312 6.88 14.92 5.33
N LYS A 313 6.42 16.13 5.59
CA LYS A 313 5.72 16.92 4.59
C LYS A 313 6.61 17.34 3.41
N THR A 314 6.01 17.42 2.24
CA THR A 314 6.71 17.85 1.03
C THR A 314 5.76 18.71 0.21
N ASN A 315 6.30 19.41 -0.78
CA ASN A 315 5.50 20.24 -1.66
C ASN A 315 5.46 19.65 -3.06
N LEU A 316 5.63 18.33 -3.14
CA LEU A 316 5.60 17.66 -4.42
C LEU A 316 4.17 17.71 -4.97
N LYS A 317 4.04 17.77 -6.28
CA LYS A 317 2.71 17.80 -6.89
C LYS A 317 1.99 16.53 -6.50
N PRO A 318 0.72 16.64 -6.08
CA PRO A 318 -0.06 15.46 -5.70
C PRO A 318 -0.49 14.64 -6.89
N LEU A 319 -0.45 13.32 -6.75
CA LEU A 319 -0.86 12.42 -7.81
C LEU A 319 -2.31 12.68 -8.11
N ASP A 320 -2.63 12.77 -9.39
CA ASP A 320 -3.98 13.00 -9.86
C ASP A 320 -4.41 11.80 -10.71
N LEU A 321 -4.93 10.78 -10.04
CA LEU A 321 -5.39 9.56 -10.71
C LEU A 321 -6.35 9.80 -11.87
N ALA A 322 -7.26 10.77 -11.73
CA ALA A 322 -8.21 11.05 -12.79
C ALA A 322 -7.49 11.47 -14.07
N GLN A 323 -6.57 12.42 -13.96
CA GLN A 323 -5.80 12.88 -15.11
C GLN A 323 -5.06 11.69 -15.72
N VAL A 324 -4.35 10.95 -14.88
CA VAL A 324 -3.61 9.78 -15.32
C VAL A 324 -4.56 8.89 -16.12
N SER A 325 -5.76 8.70 -15.59
CA SER A 325 -6.81 7.93 -16.25
C SER A 325 -6.63 6.44 -16.50
N THR A 326 -5.49 6.04 -17.06
CA THR A 326 -5.28 4.62 -17.34
C THR A 326 -3.94 4.07 -16.90
N LEU A 327 -3.96 2.82 -16.43
CA LEU A 327 -2.77 2.12 -15.99
C LEU A 327 -2.81 0.73 -16.65
N THR A 328 -1.72 0.33 -17.28
CA THR A 328 -1.66 -0.95 -17.97
C THR A 328 -0.54 -1.84 -17.44
N PHE A 329 -0.78 -3.15 -17.48
CA PHE A 329 0.18 -4.14 -17.00
C PHE A 329 0.24 -5.31 -17.99
N HIS A 330 1.45 -5.76 -18.31
CA HIS A 330 1.58 -6.89 -19.20
C HIS A 330 2.88 -7.63 -19.00
N LYS A 331 2.85 -8.92 -19.30
CA LYS A 331 4.02 -9.75 -19.14
C LYS A 331 5.10 -9.29 -20.12
N PRO A 332 6.36 -9.34 -19.69
CA PRO A 332 7.48 -8.93 -20.57
C PRO A 332 7.85 -10.15 -21.42
N SER A 333 8.19 -9.91 -22.68
CA SER A 333 8.56 -11.02 -23.56
C SER A 333 10.00 -11.43 -23.30
N LEU A 334 10.20 -12.65 -22.80
CA LEU A 334 11.55 -13.13 -22.51
C LEU A 334 12.36 -13.37 -23.78
N GLU A 335 11.67 -13.50 -24.90
CA GLU A 335 12.33 -13.71 -26.19
C GLU A 335 12.99 -12.40 -26.63
N HIS A 336 12.32 -11.29 -26.36
CA HIS A 336 12.84 -9.97 -26.72
C HIS A 336 13.76 -9.38 -25.67
N PHE A 337 13.66 -9.88 -24.44
CA PHE A 337 14.49 -9.37 -23.36
C PHE A 337 15.10 -10.55 -22.63
N PRO A 338 15.93 -11.33 -23.36
CA PRO A 338 16.59 -12.51 -22.78
C PRO A 338 17.42 -12.22 -21.55
N CYS A 339 17.84 -10.96 -21.40
CA CYS A 339 18.63 -10.56 -20.24
C CYS A 339 17.87 -10.87 -18.95
N ILE A 340 16.54 -10.76 -19.01
CA ILE A 340 15.73 -11.05 -17.84
C ILE A 340 15.93 -12.52 -17.46
N LYS A 341 15.79 -13.39 -18.45
CA LYS A 341 15.95 -14.83 -18.24
C LYS A 341 17.30 -15.14 -17.60
N LEU A 342 18.36 -14.53 -18.12
CA LEU A 342 19.71 -14.74 -17.58
C LEU A 342 19.83 -14.33 -16.10
N ALA A 343 19.20 -13.22 -15.72
CA ALA A 343 19.25 -12.75 -14.34
C ALA A 343 18.61 -13.80 -13.42
N TYR A 344 17.45 -14.30 -13.81
CA TYR A 344 16.77 -15.33 -13.02
C TYR A 344 17.62 -16.58 -12.85
N GLN A 345 18.23 -17.04 -13.95
CA GLN A 345 19.04 -18.24 -13.91
C GLN A 345 20.23 -18.06 -12.97
N ALA A 346 20.88 -16.91 -13.04
CA ALA A 346 22.04 -16.63 -12.18
C ALA A 346 21.60 -16.52 -10.73
N GLY A 347 20.49 -15.81 -10.49
CA GLY A 347 20.01 -15.69 -9.14
C GLY A 347 19.63 -17.05 -8.57
N ILE A 348 18.89 -17.83 -9.35
CA ILE A 348 18.46 -19.15 -8.90
C ILE A 348 19.66 -20.06 -8.62
N LYS A 349 20.72 -19.95 -9.42
CA LYS A 349 21.91 -20.76 -9.20
C LYS A 349 22.64 -20.40 -7.92
N GLY A 350 22.46 -19.16 -7.45
CA GLY A 350 23.11 -18.74 -6.23
C GLY A 350 24.63 -18.72 -6.30
N ASN A 351 25.28 -18.91 -5.17
CA ASN A 351 26.74 -18.91 -5.14
C ASN A 351 27.24 -17.59 -5.74
N PHE A 352 28.10 -17.66 -6.76
CA PHE A 352 28.62 -16.42 -7.35
C PHE A 352 28.13 -16.02 -8.73
N TYR A 353 27.11 -16.68 -9.25
CA TYR A 353 26.62 -16.33 -10.59
C TYR A 353 26.14 -14.90 -10.70
N PRO A 354 25.45 -14.38 -9.66
CA PRO A 354 24.99 -12.99 -9.74
C PRO A 354 26.18 -12.06 -9.94
N THR A 355 27.26 -12.37 -9.24
CA THR A 355 28.49 -11.58 -9.35
C THR A 355 29.02 -11.65 -10.78
N VAL A 356 29.01 -12.86 -11.35
CA VAL A 356 29.48 -13.03 -12.71
C VAL A 356 28.50 -12.35 -13.65
N LEU A 357 27.21 -12.46 -13.34
CA LEU A 357 26.17 -11.83 -14.15
C LEU A 357 26.43 -10.32 -14.24
N ASN A 358 26.52 -9.66 -13.10
CA ASN A 358 26.73 -8.21 -13.07
C ASN A 358 28.03 -7.76 -13.73
N ALA A 359 29.10 -8.51 -13.49
CA ALA A 359 30.40 -8.17 -14.07
C ALA A 359 30.38 -8.28 -15.60
N SER A 360 29.91 -9.40 -16.12
CA SER A 360 29.88 -9.56 -17.58
C SER A 360 28.94 -8.55 -18.22
N ASN A 361 27.84 -8.21 -17.54
CA ASN A 361 26.93 -7.24 -18.09
C ASN A 361 27.59 -5.87 -18.16
N GLU A 362 28.40 -5.52 -17.15
CA GLU A 362 29.10 -4.24 -17.16
C GLU A 362 29.93 -4.12 -18.44
N ILE A 363 30.65 -5.17 -18.80
CA ILE A 363 31.46 -5.16 -20.00
C ILE A 363 30.54 -5.08 -21.23
N ALA A 364 29.59 -5.99 -21.31
CA ALA A 364 28.65 -6.03 -22.41
C ALA A 364 27.85 -4.74 -22.59
N ASN A 365 27.50 -4.10 -21.48
CA ASN A 365 26.75 -2.85 -21.52
C ASN A 365 27.59 -1.74 -22.13
N ASN A 366 28.84 -1.65 -21.67
CA ASN A 366 29.74 -0.63 -22.18
C ASN A 366 30.09 -0.85 -23.65
N LEU A 367 30.28 -2.11 -24.04
CA LEU A 367 30.60 -2.42 -25.44
C LEU A 367 29.47 -1.95 -26.36
N PHE A 368 28.24 -2.11 -25.89
CA PHE A 368 27.06 -1.69 -26.66
C PHE A 368 26.98 -0.17 -26.70
N LEU A 369 27.22 0.46 -25.56
CA LEU A 369 27.17 1.91 -25.47
C LEU A 369 28.10 2.55 -26.50
N ASN A 370 29.30 1.99 -26.62
CA ASN A 370 30.28 2.50 -27.57
C ASN A 370 30.14 1.84 -28.95
N ASN A 371 28.92 1.38 -29.24
CA ASN A 371 28.59 0.75 -30.51
C ASN A 371 29.59 -0.29 -31.03
N LYS A 372 30.07 -1.15 -30.15
CA LYS A 372 31.03 -2.19 -30.53
C LYS A 372 30.34 -3.52 -30.81
N ILE A 373 29.24 -3.78 -30.11
CA ILE A 373 28.49 -5.02 -30.32
C ILE A 373 27.02 -4.64 -30.53
N LYS A 374 26.20 -5.62 -30.90
CA LYS A 374 24.78 -5.38 -31.12
C LYS A 374 23.91 -5.86 -29.96
N TYR A 375 22.63 -5.49 -30.02
CA TYR A 375 21.65 -5.84 -29.00
C TYR A 375 21.67 -7.27 -28.48
N PHE A 376 21.56 -8.25 -29.38
CA PHE A 376 21.57 -9.64 -28.93
C PHE A 376 22.94 -10.17 -28.57
N ASP A 377 24.00 -9.42 -28.88
CA ASP A 377 25.34 -9.88 -28.52
C ASP A 377 25.51 -9.73 -27.01
N ILE A 378 24.81 -8.77 -26.41
CA ILE A 378 24.90 -8.55 -24.96
C ILE A 378 24.40 -9.78 -24.21
N SER A 379 23.20 -10.22 -24.56
CA SER A 379 22.61 -11.40 -23.93
C SER A 379 23.49 -12.62 -24.18
N SER A 380 24.07 -12.70 -25.37
CA SER A 380 24.91 -13.82 -25.75
C SER A 380 26.24 -13.89 -24.96
N ILE A 381 26.90 -12.75 -24.80
CA ILE A 381 28.16 -12.72 -24.06
C ILE A 381 27.94 -13.08 -22.60
N ILE A 382 26.91 -12.51 -21.98
CA ILE A 382 26.65 -12.82 -20.58
C ILE A 382 26.37 -14.33 -20.47
N SER A 383 25.52 -14.85 -21.34
CA SER A 383 25.18 -16.27 -21.36
C SER A 383 26.46 -17.12 -21.36
N GLN A 384 27.40 -16.78 -22.24
CA GLN A 384 28.65 -17.53 -22.33
C GLN A 384 29.50 -17.43 -21.06
N VAL A 385 29.66 -16.23 -20.51
CA VAL A 385 30.46 -16.06 -19.30
C VAL A 385 29.85 -16.89 -18.16
N LEU A 386 28.53 -16.82 -18.03
CA LEU A 386 27.83 -17.57 -16.99
C LEU A 386 28.02 -19.07 -17.15
N GLU A 387 27.92 -19.57 -18.38
CA GLU A 387 28.07 -21.00 -18.59
C GLU A 387 29.51 -21.41 -18.38
N SER A 388 30.43 -20.49 -18.63
CA SER A 388 31.87 -20.73 -18.46
C SER A 388 32.31 -20.76 -17.00
N PHE A 389 31.61 -20.05 -16.12
CA PHE A 389 31.98 -20.02 -14.70
C PHE A 389 31.50 -21.30 -13.99
N ASN A 390 32.26 -21.74 -12.99
CA ASN A 390 31.92 -22.93 -12.21
C ASN A 390 31.90 -22.54 -10.72
N SER A 391 30.91 -23.01 -9.97
CA SER A 391 30.79 -22.70 -8.54
C SER A 391 32.13 -22.69 -7.82
N GLN A 392 32.14 -22.01 -6.67
CA GLN A 392 33.34 -21.91 -5.85
C GLN A 392 32.94 -21.96 -4.38
N LYS A 393 33.74 -22.64 -3.57
CA LYS A 393 33.49 -22.74 -2.16
C LYS A 393 33.41 -21.31 -1.61
N VAL A 394 32.34 -21.01 -0.87
CA VAL A 394 32.17 -19.67 -0.31
C VAL A 394 33.02 -19.51 0.95
N SER A 395 33.94 -18.55 0.93
CA SER A 395 34.83 -18.27 2.05
C SER A 395 34.05 -17.92 3.31
N GLU A 396 34.52 -18.42 4.45
CA GLU A 396 33.87 -18.16 5.73
C GLU A 396 33.97 -16.72 6.23
N ASN A 397 35.19 -16.23 6.45
CA ASN A 397 35.36 -14.85 6.94
C ASN A 397 35.16 -13.83 5.84
N SER A 398 34.64 -12.66 6.22
CA SER A 398 34.33 -11.60 5.27
C SER A 398 35.48 -11.06 4.42
N GLU A 399 36.67 -10.90 5.00
CA GLU A 399 37.80 -10.38 4.25
C GLU A 399 38.16 -11.23 3.04
N ASP A 400 38.16 -12.55 3.24
CA ASP A 400 38.49 -13.44 2.15
C ASP A 400 37.34 -13.48 1.15
N LEU A 401 36.12 -13.44 1.66
CA LEU A 401 34.96 -13.47 0.79
C LEU A 401 35.04 -12.25 -0.12
N MET A 402 35.38 -11.11 0.47
CA MET A 402 35.50 -9.88 -0.30
C MET A 402 36.53 -10.02 -1.40
N LYS A 403 37.65 -10.68 -1.10
CA LYS A 403 38.68 -10.89 -2.11
C LYS A 403 38.09 -11.76 -3.19
N GLN A 404 37.56 -12.91 -2.79
CA GLN A 404 36.95 -13.87 -3.70
C GLN A 404 36.00 -13.16 -4.66
N ILE A 405 35.14 -12.31 -4.11
CA ILE A 405 34.18 -11.55 -4.91
C ILE A 405 34.91 -10.62 -5.89
N LEU A 406 35.96 -9.95 -5.42
CA LEU A 406 36.72 -9.07 -6.30
C LEU A 406 37.46 -9.91 -7.35
N GLN A 407 37.85 -11.11 -6.97
CA GLN A 407 38.56 -12.00 -7.88
C GLN A 407 37.63 -12.51 -8.98
N ILE A 408 36.46 -12.98 -8.58
CA ILE A 408 35.47 -13.48 -9.53
C ILE A 408 34.94 -12.37 -10.42
N HIS A 409 34.80 -11.17 -9.86
CA HIS A 409 34.31 -10.04 -10.62
C HIS A 409 35.28 -9.74 -11.76
N SER A 410 36.57 -9.65 -11.42
CA SER A 410 37.61 -9.36 -12.40
C SER A 410 37.72 -10.51 -13.41
N TRP A 411 37.54 -11.73 -12.94
CA TRP A 411 37.60 -12.89 -13.83
C TRP A 411 36.47 -12.80 -14.85
N ALA A 412 35.30 -12.44 -14.37
CA ALA A 412 34.11 -12.33 -15.21
C ALA A 412 34.21 -11.26 -16.27
N LYS A 413 34.71 -10.07 -15.89
CA LYS A 413 34.85 -9.00 -16.86
C LYS A 413 35.89 -9.38 -17.91
N ASP A 414 36.98 -10.00 -17.45
CA ASP A 414 38.03 -10.43 -18.35
C ASP A 414 37.51 -11.48 -19.33
N LYS A 415 36.70 -12.40 -18.83
CA LYS A 415 36.14 -13.45 -19.68
C LYS A 415 35.24 -12.83 -20.76
N ALA A 416 34.35 -11.93 -20.36
CA ALA A 416 33.44 -11.28 -21.31
C ALA A 416 34.23 -10.58 -22.39
N THR A 417 35.36 -9.99 -22.02
CA THR A 417 36.20 -9.28 -22.99
C THR A 417 36.82 -10.24 -24.01
N ASP A 418 37.23 -11.42 -23.53
CA ASP A 418 37.82 -12.43 -24.40
C ASP A 418 36.84 -12.83 -25.47
N ILE A 419 35.61 -13.14 -25.05
CA ILE A 419 34.56 -13.53 -25.96
C ILE A 419 34.32 -12.43 -26.99
N TYR A 420 34.37 -11.18 -26.54
CA TYR A 420 34.20 -10.07 -27.46
C TYR A 420 35.34 -10.06 -28.49
N ASN A 421 36.56 -10.32 -28.03
CA ASN A 421 37.72 -10.32 -28.91
C ASN A 421 37.71 -11.47 -29.92
N LYS A 422 37.52 -12.69 -29.43
CA LYS A 422 37.48 -13.86 -30.30
C LYS A 422 36.48 -13.62 -31.43
N HIS A 423 35.45 -12.82 -31.13
CA HIS A 423 34.41 -12.51 -32.10
C HIS A 423 34.81 -11.38 -33.06
N ASN A 424 35.54 -10.39 -32.53
CA ASN A 424 35.98 -9.25 -33.34
C ASN A 424 37.41 -9.47 -33.84
N PRO B 15 -6.49 -19.34 19.87
CA PRO B 15 -7.60 -19.30 18.88
C PRO B 15 -8.44 -18.03 19.01
N ILE B 16 -9.07 -17.63 17.91
CA ILE B 16 -9.89 -16.42 17.87
C ILE B 16 -11.39 -16.72 17.99
N ASN B 17 -11.97 -16.34 19.11
CA ASN B 17 -13.39 -16.56 19.35
C ASN B 17 -14.24 -15.47 18.70
N VAL B 18 -14.94 -15.85 17.63
CA VAL B 18 -15.76 -14.93 16.87
C VAL B 18 -17.26 -15.16 16.99
N ALA B 19 -18.01 -14.10 16.78
CA ALA B 19 -19.47 -14.12 16.82
C ALA B 19 -19.88 -13.44 15.51
N ILE B 20 -20.89 -13.98 14.85
CA ILE B 20 -21.34 -13.38 13.60
C ILE B 20 -22.78 -12.92 13.70
N PHE B 21 -22.96 -11.61 13.66
CA PHE B 21 -24.29 -11.03 13.73
C PHE B 21 -24.73 -10.79 12.29
N GLY B 22 -25.88 -11.35 11.92
CA GLY B 22 -26.36 -11.21 10.56
C GLY B 22 -25.62 -12.26 9.76
N SER B 23 -25.51 -13.45 10.34
CA SER B 23 -24.79 -14.57 9.73
C SER B 23 -25.36 -15.10 8.43
N THR B 24 -26.66 -14.90 8.22
CA THR B 24 -27.33 -15.41 7.03
C THR B 24 -27.34 -14.44 5.87
N GLY B 25 -26.89 -13.22 6.11
CA GLY B 25 -26.86 -12.23 5.04
C GLY B 25 -25.64 -12.37 4.15
N SER B 26 -25.48 -11.41 3.24
CA SER B 26 -24.36 -11.39 2.31
C SER B 26 -23.03 -11.40 3.06
N ILE B 27 -22.87 -10.44 3.98
CA ILE B 27 -21.64 -10.35 4.76
C ILE B 27 -21.45 -11.57 5.64
N GLY B 28 -22.49 -11.93 6.37
CA GLY B 28 -22.44 -13.08 7.25
C GLY B 28 -22.00 -14.35 6.57
N THR B 29 -22.54 -14.62 5.39
CA THR B 29 -22.22 -15.81 4.62
C THR B 29 -20.78 -15.78 4.14
N ASN B 30 -20.32 -14.62 3.69
CA ASN B 30 -18.95 -14.49 3.22
C ASN B 30 -17.98 -14.61 4.39
N ALA B 31 -18.42 -14.19 5.57
CA ALA B 31 -17.59 -14.27 6.76
C ALA B 31 -17.43 -15.74 7.07
N LEU B 32 -18.53 -16.49 7.03
CA LEU B 32 -18.46 -17.92 7.31
C LEU B 32 -17.69 -18.66 6.24
N ASN B 33 -17.78 -18.21 5.00
CA ASN B 33 -17.04 -18.89 3.93
C ASN B 33 -15.55 -18.78 4.17
N ILE B 34 -15.05 -17.55 4.28
CA ILE B 34 -13.63 -17.33 4.49
C ILE B 34 -13.13 -17.99 5.76
N ILE B 35 -13.95 -18.02 6.80
CA ILE B 35 -13.56 -18.66 8.05
C ILE B 35 -13.40 -20.17 7.82
N ARG B 36 -14.39 -20.77 7.14
CA ARG B 36 -14.36 -22.20 6.85
C ARG B 36 -13.10 -22.62 6.11
N GLU B 37 -12.69 -21.82 5.12
CA GLU B 37 -11.50 -22.13 4.33
C GLU B 37 -10.21 -22.02 5.12
N CYS B 38 -10.04 -20.93 5.86
CA CYS B 38 -8.84 -20.74 6.68
C CYS B 38 -8.68 -21.84 7.72
N ASN B 39 -9.81 -22.32 8.24
CA ASN B 39 -9.80 -23.38 9.25
C ASN B 39 -9.32 -24.71 8.70
N LYS B 40 -9.38 -24.87 7.38
CA LYS B 40 -8.94 -26.11 6.75
C LYS B 40 -7.41 -26.15 6.80
N ILE B 41 -6.80 -24.97 6.81
CA ILE B 41 -5.35 -24.86 6.86
C ILE B 41 -4.85 -25.00 8.30
N GLU B 42 -5.62 -24.47 9.25
CA GLU B 42 -5.27 -24.53 10.67
C GLU B 42 -6.49 -24.04 11.48
N ASN B 43 -6.75 -24.66 12.64
CA ASN B 43 -7.90 -24.27 13.46
C ASN B 43 -7.66 -22.96 14.22
N VAL B 44 -7.87 -21.83 13.53
CA VAL B 44 -7.64 -20.52 14.13
C VAL B 44 -8.91 -19.86 14.65
N PHE B 45 -9.99 -19.98 13.89
CA PHE B 45 -11.26 -19.37 14.27
C PHE B 45 -12.24 -20.32 14.93
N ASN B 46 -12.87 -19.80 15.98
CA ASN B 46 -13.86 -20.55 16.73
C ASN B 46 -15.16 -19.74 16.65
N VAL B 47 -16.10 -20.19 15.85
CA VAL B 47 -17.38 -19.50 15.69
C VAL B 47 -18.24 -19.81 16.91
N LYS B 48 -18.22 -18.91 17.88
CA LYS B 48 -18.94 -19.09 19.12
C LYS B 48 -20.41 -18.67 19.15
N ALA B 49 -20.82 -17.82 18.23
CA ALA B 49 -22.21 -17.35 18.22
C ALA B 49 -22.71 -16.88 16.86
N LEU B 50 -23.93 -17.29 16.52
CA LEU B 50 -24.58 -16.89 15.28
C LEU B 50 -25.85 -16.15 15.68
N TYR B 51 -26.17 -15.07 14.98
CA TYR B 51 -27.33 -14.25 15.28
C TYR B 51 -28.00 -13.70 14.01
N VAL B 52 -29.30 -13.90 13.88
CA VAL B 52 -30.02 -13.41 12.70
C VAL B 52 -31.40 -12.89 13.09
N ASN B 53 -32.13 -12.34 12.14
CA ASN B 53 -33.46 -11.80 12.42
C ASN B 53 -34.57 -12.85 12.38
N LYS B 54 -34.79 -13.43 11.20
CA LYS B 54 -35.85 -14.43 11.04
C LYS B 54 -35.54 -15.64 10.16
N SER B 55 -34.34 -15.70 9.57
CA SER B 55 -33.96 -16.84 8.72
C SER B 55 -33.61 -18.06 9.54
N VAL B 56 -34.61 -18.68 10.16
CA VAL B 56 -34.43 -19.86 11.02
C VAL B 56 -33.88 -21.10 10.33
N ASN B 57 -34.31 -21.39 9.11
CA ASN B 57 -33.81 -22.57 8.41
C ASN B 57 -32.34 -22.42 8.06
N GLU B 58 -32.00 -21.31 7.41
CA GLU B 58 -30.63 -21.05 7.01
C GLU B 58 -29.73 -21.03 8.25
N LEU B 59 -30.23 -20.46 9.34
CA LEU B 59 -29.48 -20.40 10.60
C LEU B 59 -29.23 -21.80 11.12
N TYR B 60 -30.27 -22.64 11.04
CA TYR B 60 -30.19 -24.02 11.48
C TYR B 60 -29.10 -24.76 10.71
N GLU B 61 -29.02 -24.50 9.40
CA GLU B 61 -28.02 -25.12 8.55
C GLU B 61 -26.62 -24.70 8.98
N GLN B 62 -26.46 -23.42 9.31
CA GLN B 62 -25.17 -22.90 9.76
C GLN B 62 -24.82 -23.47 11.13
N ALA B 63 -25.83 -23.60 11.99
CA ALA B 63 -25.62 -24.13 13.33
C ALA B 63 -25.05 -25.54 13.22
N ARG B 64 -25.65 -26.33 12.34
CA ARG B 64 -25.21 -27.70 12.13
C ARG B 64 -23.73 -27.82 11.77
N GLU B 65 -23.28 -27.01 10.82
CA GLU B 65 -21.88 -27.04 10.41
C GLU B 65 -20.90 -26.55 11.47
N PHE B 66 -21.10 -25.32 11.93
CA PHE B 66 -20.21 -24.69 12.91
C PHE B 66 -20.45 -25.00 14.39
N LEU B 67 -21.65 -25.43 14.74
CA LEU B 67 -21.97 -25.77 16.13
C LEU B 67 -21.57 -24.68 17.14
N PRO B 68 -22.05 -23.45 16.94
CA PRO B 68 -21.70 -22.37 17.88
C PRO B 68 -22.35 -22.55 19.25
N GLU B 69 -21.61 -22.22 20.30
CA GLU B 69 -22.10 -22.32 21.67
C GLU B 69 -23.35 -21.47 21.87
N TYR B 70 -23.52 -20.45 21.05
CA TYR B 70 -24.67 -19.56 21.13
C TYR B 70 -25.40 -19.44 19.80
N LEU B 71 -26.73 -19.35 19.86
CA LEU B 71 -27.60 -19.15 18.70
C LEU B 71 -28.60 -18.08 19.14
N CYS B 72 -28.86 -17.09 18.27
CA CYS B 72 -29.82 -16.05 18.63
C CYS B 72 -30.65 -15.59 17.45
N ILE B 73 -31.95 -15.53 17.66
CA ILE B 73 -32.90 -15.11 16.62
C ILE B 73 -33.61 -13.87 17.17
N HIS B 74 -33.59 -12.78 16.41
CA HIS B 74 -34.21 -11.54 16.87
C HIS B 74 -35.73 -11.59 16.88
N ASP B 75 -36.31 -12.27 15.91
CA ASP B 75 -37.76 -12.42 15.83
C ASP B 75 -38.18 -13.52 16.80
N LYS B 76 -38.72 -13.13 17.93
CA LYS B 76 -39.14 -14.07 18.97
C LYS B 76 -40.27 -14.99 18.52
N SER B 77 -40.95 -14.63 17.44
CA SER B 77 -42.05 -15.43 16.93
C SER B 77 -41.58 -16.69 16.19
N VAL B 78 -40.26 -16.83 15.99
CA VAL B 78 -39.73 -18.01 15.31
C VAL B 78 -38.73 -18.69 16.23
N TYR B 79 -38.83 -18.39 17.51
CA TYR B 79 -37.97 -18.95 18.54
C TYR B 79 -38.20 -20.45 18.67
N GLU B 80 -39.45 -20.86 18.85
CA GLU B 80 -39.77 -22.28 18.98
C GLU B 80 -39.32 -23.09 17.75
N GLU B 81 -39.56 -22.56 16.56
CA GLU B 81 -39.16 -23.25 15.33
C GLU B 81 -37.66 -23.51 15.37
N LEU B 82 -36.90 -22.50 15.78
CA LEU B 82 -35.45 -22.63 15.85
C LEU B 82 -35.03 -23.77 16.78
N LYS B 83 -35.56 -23.75 18.00
CA LYS B 83 -35.23 -24.77 18.98
C LYS B 83 -35.69 -26.14 18.52
N GLU B 84 -36.76 -26.17 17.71
CA GLU B 84 -37.30 -27.42 17.20
C GLU B 84 -36.43 -28.01 16.10
N LEU B 85 -35.81 -27.15 15.29
CA LEU B 85 -34.94 -27.63 14.22
C LEU B 85 -33.61 -28.08 14.82
N VAL B 86 -33.01 -27.17 15.58
CA VAL B 86 -31.72 -27.42 16.24
C VAL B 86 -31.74 -28.70 17.07
N LYS B 87 -32.91 -29.05 17.59
CA LYS B 87 -33.04 -30.25 18.43
C LYS B 87 -32.71 -31.53 17.65
N ASN B 88 -32.68 -31.44 16.32
CA ASN B 88 -32.39 -32.59 15.47
C ASN B 88 -30.91 -32.82 15.22
N ILE B 89 -30.06 -31.96 15.80
CA ILE B 89 -28.62 -32.09 15.64
C ILE B 89 -28.06 -32.90 16.81
N LYS B 90 -27.58 -34.09 16.50
CA LYS B 90 -27.03 -35.00 17.51
C LYS B 90 -25.83 -34.44 18.25
N ASP B 91 -25.74 -34.75 19.54
CA ASP B 91 -24.61 -34.32 20.36
C ASP B 91 -24.37 -32.81 20.23
N TYR B 92 -25.35 -32.02 20.66
CA TYR B 92 -25.24 -30.56 20.58
C TYR B 92 -26.25 -29.86 21.50
N LYS B 93 -25.75 -29.20 22.55
CA LYS B 93 -26.59 -28.49 23.52
C LYS B 93 -26.25 -27.00 23.59
N PRO B 94 -26.56 -26.25 22.53
CA PRO B 94 -26.27 -24.82 22.48
C PRO B 94 -27.20 -23.97 23.32
N ILE B 95 -26.78 -22.75 23.61
CA ILE B 95 -27.62 -21.82 24.36
C ILE B 95 -28.38 -21.05 23.31
N ILE B 96 -29.70 -21.17 23.29
CA ILE B 96 -30.53 -20.48 22.31
C ILE B 96 -31.25 -19.30 22.99
N LEU B 97 -31.03 -18.10 22.48
CA LEU B 97 -31.61 -16.90 23.08
C LEU B 97 -32.47 -16.12 22.09
N CYS B 98 -33.07 -15.02 22.56
CA CYS B 98 -33.94 -14.22 21.72
C CYS B 98 -33.83 -12.71 21.86
N GLY B 99 -34.11 -12.03 20.76
CA GLY B 99 -34.07 -10.58 20.70
C GLY B 99 -32.96 -9.83 21.39
N ASP B 100 -33.26 -8.59 21.74
CA ASP B 100 -32.33 -7.69 22.43
C ASP B 100 -31.59 -8.37 23.56
N GLU B 101 -32.34 -8.94 24.49
CA GLU B 101 -31.72 -9.61 25.64
C GLU B 101 -30.74 -10.67 25.17
N GLY B 102 -31.12 -11.42 24.14
CA GLY B 102 -30.25 -12.45 23.61
C GLY B 102 -29.00 -11.85 23.04
N MET B 103 -29.16 -10.76 22.28
CA MET B 103 -28.02 -10.09 21.68
C MET B 103 -27.08 -9.57 22.77
N LYS B 104 -27.66 -8.90 23.78
CA LYS B 104 -26.85 -8.37 24.87
C LYS B 104 -26.17 -9.48 25.65
N GLU B 105 -26.84 -10.63 25.81
CA GLU B 105 -26.22 -11.73 26.53
C GLU B 105 -24.96 -12.21 25.83
N ILE B 106 -24.99 -12.28 24.51
CA ILE B 106 -23.84 -12.72 23.75
C ILE B 106 -22.72 -11.70 23.85
N CYS B 107 -23.05 -10.42 23.67
CA CYS B 107 -22.06 -9.36 23.75
C CYS B 107 -21.29 -9.32 25.07
N SER B 108 -21.94 -9.66 26.17
CA SER B 108 -21.27 -9.64 27.48
C SER B 108 -20.55 -10.94 27.87
N SER B 109 -20.64 -11.95 27.01
CA SER B 109 -19.98 -13.22 27.30
C SER B 109 -18.47 -13.01 27.29
N ASN B 110 -17.75 -13.79 28.09
CA ASN B 110 -16.29 -13.66 28.14
C ASN B 110 -15.61 -14.66 27.21
N SER B 111 -16.42 -15.48 26.55
CA SER B 111 -15.88 -16.46 25.63
C SER B 111 -16.07 -15.96 24.20
N ILE B 112 -15.96 -14.64 24.02
CA ILE B 112 -16.08 -14.00 22.72
C ILE B 112 -15.17 -12.78 22.66
N ASP B 113 -14.28 -12.77 21.68
CA ASP B 113 -13.34 -11.68 21.54
C ASP B 113 -13.69 -10.70 20.43
N LYS B 114 -14.15 -11.23 19.30
CA LYS B 114 -14.48 -10.37 18.19
C LYS B 114 -15.89 -10.62 17.70
N ILE B 115 -16.54 -9.55 17.26
CA ILE B 115 -17.89 -9.63 16.77
C ILE B 115 -18.00 -8.96 15.41
N VAL B 116 -18.49 -9.72 14.42
CA VAL B 116 -18.67 -9.19 13.09
C VAL B 116 -20.10 -8.70 13.01
N ILE B 117 -20.29 -7.46 12.62
CA ILE B 117 -21.62 -6.89 12.54
C ILE B 117 -22.02 -6.85 11.08
N GLY B 118 -22.76 -7.88 10.67
CA GLY B 118 -23.22 -7.96 9.30
C GLY B 118 -24.71 -7.66 9.21
N ILE B 119 -25.21 -6.91 10.18
CA ILE B 119 -26.63 -6.52 10.23
C ILE B 119 -26.79 -5.22 9.41
N ASP B 120 -27.77 -5.18 8.52
CA ASP B 120 -27.99 -3.99 7.70
C ASP B 120 -28.82 -2.90 8.39
N SER B 121 -28.87 -1.74 7.76
CA SER B 121 -29.65 -0.60 8.25
C SER B 121 -29.33 -0.07 9.64
N PHE B 122 -30.10 0.93 10.03
CA PHE B 122 -29.95 1.57 11.32
C PHE B 122 -29.92 0.53 12.43
N GLN B 123 -30.74 -0.51 12.30
CA GLN B 123 -30.82 -1.57 13.30
C GLN B 123 -29.45 -2.06 13.76
N GLY B 124 -28.47 -2.03 12.86
CA GLY B 124 -27.13 -2.49 13.18
C GLY B 124 -26.43 -1.70 14.27
N LEU B 125 -26.91 -0.48 14.52
CA LEU B 125 -26.31 0.37 15.55
C LEU B 125 -26.41 -0.20 16.97
N TYR B 126 -27.54 -0.83 17.29
CA TYR B 126 -27.73 -1.37 18.63
C TYR B 126 -26.65 -2.36 19.05
N SER B 127 -26.40 -3.39 18.25
CA SER B 127 -25.39 -4.38 18.59
C SER B 127 -23.98 -3.81 18.50
N THR B 128 -23.78 -2.85 17.62
CA THR B 128 -22.45 -2.23 17.52
C THR B 128 -22.19 -1.56 18.86
N MET B 129 -23.20 -0.85 19.36
CA MET B 129 -23.13 -0.13 20.63
C MET B 129 -22.83 -1.04 21.81
N TYR B 130 -23.48 -2.20 21.85
CA TYR B 130 -23.27 -3.14 22.94
C TYR B 130 -21.96 -3.91 22.86
N ALA B 131 -21.49 -4.18 21.65
CA ALA B 131 -20.24 -4.90 21.50
C ALA B 131 -19.16 -3.99 22.05
N ILE B 132 -19.30 -2.69 21.79
CA ILE B 132 -18.33 -1.68 22.27
C ILE B 132 -18.38 -1.53 23.78
N MET B 133 -19.59 -1.49 24.34
CA MET B 133 -19.78 -1.35 25.78
C MET B 133 -19.19 -2.54 26.53
N ASN B 134 -18.92 -3.63 25.82
CA ASN B 134 -18.35 -4.83 26.42
C ASN B 134 -16.89 -4.98 26.01
N ASN B 135 -16.30 -3.86 25.59
CA ASN B 135 -14.90 -3.80 25.17
C ASN B 135 -14.46 -4.83 24.14
N LYS B 136 -15.34 -5.27 23.26
CA LYS B 136 -14.96 -6.25 22.26
C LYS B 136 -14.30 -5.61 21.06
N ILE B 137 -13.88 -6.45 20.12
CA ILE B 137 -13.28 -5.98 18.89
C ILE B 137 -14.45 -6.09 17.92
N VAL B 138 -14.87 -4.97 17.35
CA VAL B 138 -16.01 -4.96 16.44
C VAL B 138 -15.64 -4.82 14.96
N ALA B 139 -15.77 -5.92 14.21
CA ALA B 139 -15.47 -5.90 12.78
C ALA B 139 -16.77 -5.36 12.15
N LEU B 140 -16.80 -4.04 11.95
CA LEU B 140 -17.97 -3.33 11.44
C LEU B 140 -18.13 -3.18 9.94
N ALA B 141 -19.18 -3.79 9.40
CA ALA B 141 -19.48 -3.72 7.99
C ALA B 141 -20.67 -2.77 7.81
N ASN B 142 -21.49 -2.67 8.85
CA ASN B 142 -22.67 -1.82 8.84
C ASN B 142 -22.31 -0.34 8.89
N LYS B 143 -22.05 0.24 7.72
CA LYS B 143 -21.69 1.64 7.65
C LYS B 143 -22.75 2.62 8.18
N GLU B 144 -24.01 2.20 8.19
CA GLU B 144 -25.08 3.07 8.66
C GLU B 144 -24.91 3.43 10.13
N SER B 145 -24.24 2.57 10.88
CA SER B 145 -24.00 2.82 12.30
C SER B 145 -23.08 4.03 12.47
N ILE B 146 -22.06 4.12 11.62
CA ILE B 146 -21.11 5.24 11.70
C ILE B 146 -21.63 6.55 11.13
N VAL B 147 -22.51 6.48 10.13
CA VAL B 147 -23.02 7.70 9.53
C VAL B 147 -24.08 8.37 10.41
N SER B 148 -24.91 7.55 11.05
CA SER B 148 -25.96 8.11 11.89
C SER B 148 -25.55 8.32 13.35
N ALA B 149 -24.46 7.70 13.78
CA ALA B 149 -24.00 7.81 15.16
C ALA B 149 -22.48 7.96 15.29
N GLY B 150 -21.86 8.53 14.26
CA GLY B 150 -20.41 8.71 14.28
C GLY B 150 -19.89 9.37 15.56
N PHE B 151 -20.39 10.56 15.87
CA PHE B 151 -19.95 11.28 17.07
C PHE B 151 -20.25 10.47 18.32
N PHE B 152 -21.38 9.79 18.32
CA PHE B 152 -21.78 8.98 19.47
C PHE B 152 -20.86 7.77 19.68
N LEU B 153 -20.45 7.11 18.60
CA LEU B 153 -19.57 5.96 18.68
C LEU B 153 -18.18 6.38 19.16
N LYS B 154 -17.74 7.56 18.76
CA LYS B 154 -16.44 8.09 19.16
C LYS B 154 -16.42 8.33 20.67
N LYS B 155 -17.53 8.84 21.20
CA LYS B 155 -17.66 9.09 22.64
C LYS B 155 -17.67 7.77 23.39
N LEU B 156 -18.47 6.84 22.91
CA LEU B 156 -18.59 5.52 23.50
C LEU B 156 -17.24 4.80 23.52
N LEU B 157 -16.48 4.95 22.45
CA LEU B 157 -15.17 4.31 22.36
C LEU B 157 -14.16 4.97 23.28
N ASN B 158 -14.42 6.21 23.67
CA ASN B 158 -13.50 6.89 24.57
C ASN B 158 -13.77 6.44 26.01
N ILE B 159 -14.90 5.81 26.24
CA ILE B 159 -15.22 5.34 27.58
C ILE B 159 -14.74 3.91 27.78
N HIS B 160 -15.02 3.07 26.79
CA HIS B 160 -14.65 1.67 26.81
C HIS B 160 -13.37 1.54 25.99
N LYS B 161 -12.28 1.97 26.61
CA LYS B 161 -10.98 2.02 25.99
C LYS B 161 -10.36 0.75 25.41
N ASN B 162 -10.93 -0.43 25.68
CA ASN B 162 -10.35 -1.65 25.13
C ASN B 162 -11.14 -2.13 23.92
N ALA B 163 -12.26 -1.47 23.67
CA ALA B 163 -13.10 -1.79 22.51
C ALA B 163 -12.42 -1.20 21.29
N LYS B 164 -12.62 -1.81 20.13
CA LYS B 164 -12.04 -1.28 18.90
C LYS B 164 -12.98 -1.47 17.74
N ILE B 165 -13.00 -0.51 16.82
CA ILE B 165 -13.81 -0.68 15.63
C ILE B 165 -12.86 -0.87 14.45
N ILE B 166 -12.83 -2.09 13.91
CA ILE B 166 -12.00 -2.41 12.76
C ILE B 166 -12.96 -2.41 11.57
N PRO B 167 -12.71 -1.57 10.56
CA PRO B 167 -13.60 -1.53 9.39
C PRO B 167 -13.59 -2.76 8.48
N VAL B 168 -14.79 -3.15 8.03
CA VAL B 168 -14.97 -4.30 7.13
C VAL B 168 -15.34 -3.79 5.71
N ASP B 169 -15.99 -2.64 5.63
CA ASP B 169 -16.36 -2.06 4.34
C ASP B 169 -15.08 -2.10 3.50
N SER B 170 -15.14 -2.76 2.35
CA SER B 170 -13.95 -2.92 1.51
C SER B 170 -13.10 -1.67 1.31
N GLU B 171 -13.69 -0.52 1.02
CA GLU B 171 -12.86 0.66 0.80
C GLU B 171 -12.11 1.10 2.04
N HIS B 172 -12.76 1.02 3.20
CA HIS B 172 -12.14 1.44 4.46
C HIS B 172 -11.16 0.39 4.95
N SER B 173 -11.44 -0.86 4.63
CA SER B 173 -10.55 -1.92 5.00
C SER B 173 -9.29 -1.68 4.19
N ALA B 174 -9.49 -1.23 2.94
CA ALA B 174 -8.38 -0.95 2.04
C ALA B 174 -7.49 0.15 2.61
N ILE B 175 -8.11 1.26 2.99
CA ILE B 175 -7.41 2.39 3.58
C ILE B 175 -6.70 1.96 4.86
N PHE B 176 -7.37 1.13 5.64
CA PHE B 176 -6.83 0.62 6.88
C PHE B 176 -5.56 -0.19 6.56
N GLN B 177 -5.66 -1.12 5.61
CA GLN B 177 -4.52 -1.95 5.21
C GLN B 177 -3.36 -1.12 4.67
N CYS B 178 -3.65 0.00 4.01
CA CYS B 178 -2.60 0.83 3.46
C CYS B 178 -1.79 1.56 4.52
N LEU B 179 -2.38 1.73 5.71
CA LEU B 179 -1.68 2.43 6.78
C LEU B 179 -0.60 1.55 7.38
N ASP B 180 0.41 2.20 7.93
CA ASP B 180 1.53 1.53 8.57
C ASP B 180 1.02 1.12 9.94
N ASN B 181 0.89 -0.19 10.18
CA ASN B 181 0.38 -0.66 11.46
C ASN B 181 1.21 -0.20 12.66
N ASN B 182 2.42 0.29 12.43
CA ASN B 182 3.26 0.74 13.52
C ASN B 182 2.65 2.00 14.15
N LYS B 183 1.91 2.76 13.34
CA LYS B 183 1.28 3.95 13.87
C LYS B 183 -0.17 3.67 14.19
N VAL B 184 -0.80 2.79 13.42
CA VAL B 184 -2.21 2.44 13.67
C VAL B 184 -2.38 1.99 15.11
N ILE B 185 -1.47 1.12 15.57
CA ILE B 185 -1.48 0.59 16.92
C ILE B 185 -1.35 1.64 17.98
N LYS B 186 -0.79 2.79 17.62
CA LYS B 186 -0.61 3.86 18.59
C LYS B 186 -1.85 4.74 18.71
N THR B 187 -2.87 4.42 17.93
CA THR B 187 -4.13 5.16 17.97
C THR B 187 -5.25 4.13 17.80
N LYS B 188 -6.38 4.54 17.24
CA LYS B 188 -7.51 3.63 17.08
C LYS B 188 -8.59 4.28 16.20
N CYS B 189 -9.29 3.49 15.37
CA CYS B 189 -10.34 4.07 14.51
C CYS B 189 -11.35 4.92 15.29
N LEU B 190 -11.77 6.03 14.69
CA LEU B 190 -12.72 6.97 15.29
C LEU B 190 -12.13 7.90 16.33
N GLN B 191 -10.86 7.69 16.67
CA GLN B 191 -10.21 8.51 17.67
C GLN B 191 -9.64 9.81 17.09
N ASP B 192 -9.77 10.90 17.85
CA ASP B 192 -9.24 12.19 17.39
C ASP B 192 -7.77 12.03 17.05
N ASN B 193 -7.30 12.80 16.06
CA ASN B 193 -5.90 12.75 15.64
C ASN B 193 -5.48 11.47 14.94
N PHE B 194 -6.45 10.66 14.53
CA PHE B 194 -6.10 9.43 13.86
C PHE B 194 -5.30 9.69 12.58
N SER B 195 -5.80 10.60 11.74
CA SER B 195 -5.11 10.87 10.48
C SER B 195 -3.80 11.62 10.67
N LYS B 196 -3.67 12.34 11.79
CA LYS B 196 -2.45 13.09 12.05
C LYS B 196 -1.36 12.13 12.52
N ILE B 197 -1.71 11.15 13.34
CA ILE B 197 -0.74 10.17 13.83
C ILE B 197 -0.30 9.24 12.69
N ASN B 198 -1.16 9.06 11.69
CA ASN B 198 -0.84 8.19 10.54
C ASN B 198 -0.31 8.97 9.33
N ASN B 199 -0.02 10.25 9.53
CA ASN B 199 0.51 11.06 8.44
C ASN B 199 -0.40 11.03 7.21
N ILE B 200 -1.70 10.99 7.41
CA ILE B 200 -2.65 10.96 6.30
C ILE B 200 -2.90 12.37 5.75
N ASN B 201 -2.69 12.54 4.45
CA ASN B 201 -2.91 13.83 3.82
C ASN B 201 -4.24 13.82 3.09
N LYS B 202 -4.50 12.78 2.30
CA LYS B 202 -5.74 12.70 1.56
C LYS B 202 -6.18 11.26 1.31
N ILE B 203 -7.46 11.08 1.01
CA ILE B 203 -7.99 9.74 0.73
C ILE B 203 -8.64 9.67 -0.66
N PHE B 204 -8.27 8.64 -1.41
CA PHE B 204 -8.87 8.41 -2.72
C PHE B 204 -9.89 7.32 -2.40
N LEU B 205 -11.16 7.68 -2.38
CA LEU B 205 -12.23 6.71 -2.11
C LEU B 205 -12.71 6.12 -3.44
N CYS B 206 -12.32 4.88 -3.74
CA CYS B 206 -12.70 4.24 -5.00
C CYS B 206 -14.11 3.69 -5.00
N SER B 207 -14.72 3.70 -6.18
CA SER B 207 -16.09 3.22 -6.35
C SER B 207 -16.22 2.46 -7.66
N SER B 208 -17.15 1.50 -7.70
CA SER B 208 -17.38 0.74 -8.92
C SER B 208 -18.18 1.59 -9.90
N GLY B 209 -18.77 2.67 -9.40
CA GLY B 209 -19.57 3.56 -10.24
C GLY B 209 -21.02 3.11 -10.36
N GLY B 210 -21.27 1.84 -10.07
CA GLY B 210 -22.62 1.35 -10.17
C GLY B 210 -23.02 1.11 -11.62
N PRO B 211 -24.25 0.64 -11.86
CA PRO B 211 -24.73 0.37 -13.22
C PRO B 211 -25.13 1.55 -14.09
N PHE B 212 -25.42 2.70 -13.49
CA PHE B 212 -25.86 3.86 -14.27
C PHE B 212 -24.75 4.85 -14.62
N GLN B 213 -23.52 4.49 -14.28
CA GLN B 213 -22.37 5.36 -14.50
C GLN B 213 -22.19 5.96 -15.90
N ASN B 214 -22.59 5.24 -16.95
CA ASN B 214 -22.44 5.76 -18.31
C ASN B 214 -23.71 6.34 -18.95
N LEU B 215 -24.75 6.56 -18.15
CA LEU B 215 -26.00 7.09 -18.71
C LEU B 215 -26.05 8.61 -18.82
N THR B 216 -26.76 9.10 -19.83
CA THR B 216 -26.92 10.54 -19.99
C THR B 216 -28.03 10.93 -19.02
N MET B 217 -28.19 12.23 -18.78
CA MET B 217 -29.22 12.71 -17.87
C MET B 217 -30.62 12.22 -18.25
N ASP B 218 -30.94 12.30 -19.54
CA ASP B 218 -32.26 11.86 -20.00
C ASP B 218 -32.48 10.38 -19.79
N GLU B 219 -31.41 9.59 -19.89
CA GLU B 219 -31.52 8.16 -19.69
C GLU B 219 -31.63 7.82 -18.19
N LEU B 220 -30.96 8.62 -17.35
CA LEU B 220 -31.01 8.40 -15.90
C LEU B 220 -32.40 8.68 -15.36
N LYS B 221 -33.05 9.66 -15.96
CA LYS B 221 -34.37 10.08 -15.54
C LYS B 221 -35.40 8.97 -15.43
N ASN B 222 -35.33 8.00 -16.33
CA ASN B 222 -36.30 6.90 -16.33
C ASN B 222 -35.77 5.55 -15.87
N VAL B 223 -34.57 5.52 -15.31
CA VAL B 223 -34.01 4.26 -14.81
C VAL B 223 -34.89 3.71 -13.70
N THR B 224 -34.88 2.39 -13.54
CA THR B 224 -35.70 1.74 -12.54
C THR B 224 -34.88 0.86 -11.60
N SER B 225 -35.52 0.39 -10.54
CA SER B 225 -34.85 -0.47 -9.58
C SER B 225 -34.54 -1.84 -10.17
N GLU B 226 -35.27 -2.25 -11.21
CA GLU B 226 -34.98 -3.55 -11.80
C GLU B 226 -33.71 -3.45 -12.64
N ASN B 227 -33.48 -2.29 -13.24
CA ASN B 227 -32.29 -2.06 -14.05
C ASN B 227 -31.03 -2.09 -13.17
N ALA B 228 -31.18 -1.62 -11.93
CA ALA B 228 -30.03 -1.50 -11.02
C ALA B 228 -29.68 -2.69 -10.12
N LEU B 229 -30.53 -3.64 -9.86
CA LEU B 229 -30.18 -4.60 -8.80
C LEU B 229 -29.13 -5.67 -9.01
N LYS B 230 -29.12 -6.27 -10.18
CA LYS B 230 -28.28 -7.45 -10.41
C LYS B 230 -26.91 -7.20 -11.04
N HIS B 231 -25.95 -7.84 -10.42
CA HIS B 231 -24.55 -7.72 -10.72
C HIS B 231 -23.94 -9.12 -10.89
N PRO B 232 -22.62 -9.29 -11.23
CA PRO B 232 -22.10 -10.66 -11.40
C PRO B 232 -20.82 -11.09 -10.63
N LYS B 233 -20.62 -10.78 -9.36
CA LYS B 233 -19.37 -11.27 -8.68
C LYS B 233 -19.75 -11.90 -7.33
N TRP B 234 -20.86 -11.36 -6.83
CA TRP B 234 -21.49 -11.72 -5.60
C TRP B 234 -22.70 -10.83 -5.39
N LYS B 235 -23.72 -11.37 -4.73
CA LYS B 235 -24.94 -10.62 -4.46
C LYS B 235 -24.82 -9.87 -3.15
N MET B 236 -25.50 -8.72 -3.08
CA MET B 236 -25.49 -7.90 -1.88
C MET B 236 -26.95 -7.60 -1.59
N GLY B 237 -27.23 -7.04 -0.42
CA GLY B 237 -28.59 -6.69 -0.08
C GLY B 237 -29.15 -5.72 -1.11
N LYS B 238 -30.48 -5.71 -1.26
CA LYS B 238 -31.14 -4.82 -2.20
C LYS B 238 -30.88 -3.37 -1.83
N LYS B 239 -30.90 -3.07 -0.55
CA LYS B 239 -30.65 -1.72 -0.05
C LYS B 239 -29.32 -1.18 -0.56
N ILE B 240 -28.22 -1.87 -0.26
CA ILE B 240 -26.91 -1.40 -0.70
C ILE B 240 -26.76 -1.43 -2.22
N THR B 241 -27.44 -2.37 -2.88
CA THR B 241 -27.34 -2.46 -4.32
C THR B 241 -27.91 -1.18 -4.91
N ILE B 242 -29.00 -0.67 -4.32
CA ILE B 242 -29.61 0.56 -4.81
C ILE B 242 -28.76 1.79 -4.48
N ASP B 243 -28.16 1.82 -3.29
CA ASP B 243 -27.31 2.97 -2.94
C ASP B 243 -26.13 3.02 -3.91
N SER B 244 -25.68 1.85 -4.35
CA SER B 244 -24.57 1.76 -5.28
C SER B 244 -24.97 2.39 -6.60
N ALA B 245 -26.23 2.19 -6.99
CA ALA B 245 -26.74 2.75 -8.24
C ALA B 245 -26.78 4.26 -8.23
N THR B 246 -27.34 4.83 -7.17
CA THR B 246 -27.46 6.29 -7.03
C THR B 246 -26.15 6.87 -6.55
N MET B 247 -25.25 5.99 -6.14
CA MET B 247 -23.96 6.35 -5.57
C MET B 247 -24.11 6.99 -4.17
N MET B 248 -25.28 6.84 -3.56
CA MET B 248 -25.48 7.36 -2.20
C MET B 248 -24.60 6.48 -1.31
N ASN B 249 -24.27 5.29 -1.82
CA ASN B 249 -23.41 4.38 -1.05
C ASN B 249 -22.08 5.07 -0.80
N LYS B 250 -21.47 5.57 -1.87
CA LYS B 250 -20.19 6.24 -1.77
C LYS B 250 -20.32 7.52 -0.92
N GLY B 251 -21.49 8.16 -0.96
CA GLY B 251 -21.70 9.35 -0.15
C GLY B 251 -21.66 8.97 1.32
N LEU B 252 -22.34 7.88 1.67
CA LEU B 252 -22.35 7.39 3.05
C LEU B 252 -20.92 6.98 3.42
N GLU B 253 -20.21 6.39 2.46
CA GLU B 253 -18.83 5.98 2.70
C GLU B 253 -17.87 7.14 2.90
N VAL B 254 -18.20 8.31 2.34
CA VAL B 254 -17.34 9.48 2.52
C VAL B 254 -17.39 9.87 4.00
N ILE B 255 -18.61 9.95 4.55
CA ILE B 255 -18.81 10.28 5.95
C ILE B 255 -18.16 9.20 6.83
N GLU B 256 -18.37 7.93 6.49
CA GLU B 256 -17.78 6.83 7.25
C GLU B 256 -16.26 7.01 7.30
N THR B 257 -15.67 7.46 6.20
CA THR B 257 -14.24 7.69 6.13
C THR B 257 -13.84 8.81 7.07
N HIS B 258 -14.63 9.90 7.03
CA HIS B 258 -14.37 11.04 7.89
C HIS B 258 -14.32 10.63 9.36
N PHE B 259 -15.34 9.92 9.82
CA PHE B 259 -15.38 9.49 11.21
C PHE B 259 -14.37 8.41 11.55
N LEU B 260 -14.26 7.36 10.74
CA LEU B 260 -13.30 6.30 11.03
C LEU B 260 -11.84 6.76 11.06
N PHE B 261 -11.45 7.65 10.18
CA PHE B 261 -10.06 8.02 10.13
C PHE B 261 -9.78 9.48 10.46
N ASP B 262 -10.80 10.18 10.94
CA ASP B 262 -10.65 11.59 11.31
C ASP B 262 -10.03 12.39 10.18
N VAL B 263 -10.45 12.10 8.96
CA VAL B 263 -9.98 12.78 7.76
C VAL B 263 -10.96 13.87 7.39
N ASP B 264 -10.46 15.07 7.07
CA ASP B 264 -11.34 16.18 6.72
C ASP B 264 -12.07 15.93 5.40
N TYR B 265 -13.28 16.46 5.29
CA TYR B 265 -14.07 16.29 4.08
C TYR B 265 -13.41 16.85 2.81
N ASN B 266 -12.71 17.98 2.91
CA ASN B 266 -12.06 18.50 1.71
C ASN B 266 -10.88 17.62 1.34
N ASP B 267 -10.58 16.63 2.17
CA ASP B 267 -9.47 15.72 1.90
C ASP B 267 -9.89 14.31 1.46
N ILE B 268 -11.15 14.15 1.07
CA ILE B 268 -11.64 12.87 0.58
C ILE B 268 -12.07 13.05 -0.87
N GLU B 269 -11.45 12.31 -1.78
CA GLU B 269 -11.81 12.42 -3.19
C GLU B 269 -12.42 11.13 -3.69
N VAL B 270 -13.65 11.20 -4.17
CA VAL B 270 -14.31 10.02 -4.71
C VAL B 270 -13.77 9.77 -6.12
N ILE B 271 -13.36 8.55 -6.38
CA ILE B 271 -12.82 8.17 -7.68
C ILE B 271 -13.50 6.90 -8.18
N VAL B 272 -13.99 6.97 -9.42
CA VAL B 272 -14.66 5.84 -10.03
C VAL B 272 -13.62 4.98 -10.73
N HIS B 273 -13.52 3.73 -10.28
CA HIS B 273 -12.58 2.77 -10.83
C HIS B 273 -13.44 1.56 -11.18
N LYS B 274 -13.89 1.50 -12.43
CA LYS B 274 -14.79 0.42 -12.82
C LYS B 274 -14.26 -1.02 -12.71
N GLU B 275 -12.96 -1.23 -12.79
CA GLU B 275 -12.43 -2.59 -12.68
C GLU B 275 -12.50 -3.10 -11.23
N CYS B 276 -12.61 -2.19 -10.28
CA CYS B 276 -12.72 -2.55 -8.86
C CYS B 276 -11.61 -3.45 -8.37
N ILE B 277 -10.38 -3.21 -8.82
CA ILE B 277 -9.24 -3.99 -8.37
C ILE B 277 -8.58 -3.17 -7.24
N ILE B 278 -8.36 -1.89 -7.51
CA ILE B 278 -7.78 -0.98 -6.52
C ILE B 278 -8.97 -0.55 -5.67
N HIS B 279 -9.04 -1.04 -4.44
CA HIS B 279 -10.16 -0.75 -3.56
C HIS B 279 -10.18 0.59 -2.84
N SER B 280 -9.04 1.28 -2.85
CA SER B 280 -8.88 2.61 -2.24
C SER B 280 -7.40 2.92 -2.04
N CYS B 281 -7.10 4.21 -1.98
CA CYS B 281 -5.73 4.67 -1.83
C CYS B 281 -5.61 5.69 -0.72
N VAL B 282 -4.42 5.76 -0.14
CA VAL B 282 -4.14 6.72 0.91
C VAL B 282 -2.90 7.53 0.50
N GLU B 283 -3.04 8.85 0.52
CA GLU B 283 -1.93 9.73 0.20
C GLU B 283 -1.40 10.28 1.51
N PHE B 284 -0.10 10.09 1.73
CA PHE B 284 0.54 10.57 2.95
C PHE B 284 1.14 11.96 2.72
N ILE B 285 1.47 12.64 3.82
CA ILE B 285 1.99 14.00 3.75
C ILE B 285 3.20 14.24 2.85
N ASP B 286 3.94 13.19 2.52
CA ASP B 286 5.09 13.36 1.62
C ASP B 286 4.61 13.23 0.18
N LYS B 287 3.30 12.96 0.05
CA LYS B 287 2.60 12.79 -1.23
C LYS B 287 2.68 11.40 -1.84
N SER B 288 3.44 10.52 -1.20
CA SER B 288 3.53 9.15 -1.69
C SER B 288 2.13 8.58 -1.47
N VAL B 289 1.73 7.67 -2.34
CA VAL B 289 0.40 7.07 -2.26
C VAL B 289 0.45 5.55 -2.13
N ILE B 290 -0.24 5.03 -1.11
CA ILE B 290 -0.29 3.58 -0.92
C ILE B 290 -1.70 3.12 -1.23
N SER B 291 -1.84 1.96 -1.87
CA SER B 291 -3.15 1.42 -2.20
C SER B 291 -3.21 -0.09 -1.94
N GLN B 292 -4.42 -0.59 -1.78
CA GLN B 292 -4.65 -2.00 -1.51
C GLN B 292 -5.42 -2.53 -2.71
N MET B 293 -5.07 -3.70 -3.20
CA MET B 293 -5.80 -4.22 -4.35
C MET B 293 -5.97 -5.72 -4.39
N TYR B 294 -7.04 -6.13 -5.04
CA TYR B 294 -7.36 -7.53 -5.19
C TYR B 294 -8.67 -7.57 -5.96
N TYR B 295 -9.07 -8.77 -6.38
CA TYR B 295 -10.34 -8.92 -7.09
C TYR B 295 -11.44 -8.44 -6.16
N PRO B 296 -12.58 -8.00 -6.75
CA PRO B 296 -13.69 -7.52 -5.92
C PRO B 296 -14.30 -8.68 -5.11
N ASP B 297 -13.78 -8.87 -3.89
CA ASP B 297 -14.24 -9.95 -3.02
C ASP B 297 -14.26 -9.39 -1.60
N MET B 298 -15.28 -9.73 -0.82
CA MET B 298 -15.37 -9.24 0.56
C MET B 298 -14.68 -10.15 1.55
N GLN B 299 -14.23 -11.31 1.10
CA GLN B 299 -13.57 -12.24 2.01
C GLN B 299 -12.30 -11.66 2.62
N ILE B 300 -11.56 -10.87 1.86
CA ILE B 300 -10.34 -10.28 2.36
C ILE B 300 -10.60 -9.24 3.46
N PRO B 301 -11.42 -8.23 3.19
CA PRO B 301 -11.68 -7.24 4.24
C PRO B 301 -12.25 -7.85 5.53
N ILE B 302 -13.04 -8.91 5.40
CA ILE B 302 -13.62 -9.57 6.58
C ILE B 302 -12.54 -10.33 7.35
N LEU B 303 -11.69 -11.03 6.63
CA LEU B 303 -10.61 -11.80 7.26
C LEU B 303 -9.64 -10.87 7.97
N TYR B 304 -9.18 -9.84 7.27
CA TYR B 304 -8.24 -8.90 7.86
C TYR B 304 -8.79 -8.29 9.15
N SER B 305 -10.10 -8.03 9.20
CA SER B 305 -10.68 -7.43 10.39
C SER B 305 -10.56 -8.39 11.57
N LEU B 306 -10.48 -9.68 11.28
CA LEU B 306 -10.40 -10.69 12.33
C LEU B 306 -8.97 -11.10 12.68
N THR B 307 -8.00 -10.77 11.82
CA THR B 307 -6.63 -11.16 12.08
C THR B 307 -5.75 -9.98 12.49
N TRP B 308 -6.14 -8.79 12.04
CA TRP B 308 -5.38 -7.59 12.37
C TRP B 308 -5.04 -7.62 13.85
N PRO B 309 -3.82 -7.20 14.22
CA PRO B 309 -2.75 -6.69 13.35
C PRO B 309 -1.98 -7.73 12.53
N ASP B 310 -2.38 -8.99 12.56
CA ASP B 310 -1.68 -9.99 11.76
C ASP B 310 -2.40 -10.38 10.48
N ARG B 311 -1.73 -11.19 9.67
CA ARG B 311 -2.29 -11.70 8.42
C ARG B 311 -2.09 -13.19 8.49
N ILE B 312 -3.01 -13.95 7.88
CA ILE B 312 -2.86 -15.40 7.88
C ILE B 312 -3.03 -15.94 6.46
N LYS B 313 -2.49 -17.12 6.22
CA LYS B 313 -2.56 -17.73 4.90
C LYS B 313 -3.97 -18.14 4.52
N THR B 314 -4.28 -17.96 3.24
CA THR B 314 -5.57 -18.35 2.68
C THR B 314 -5.25 -19.02 1.34
N ASN B 315 -6.25 -19.64 0.73
CA ASN B 315 -6.07 -20.31 -0.56
C ASN B 315 -6.84 -19.56 -1.65
N LEU B 316 -6.95 -18.25 -1.48
CA LEU B 316 -7.64 -17.43 -2.45
C LEU B 316 -6.84 -17.30 -3.74
N LYS B 317 -7.55 -17.21 -4.86
CA LYS B 317 -6.89 -17.07 -6.15
C LYS B 317 -6.03 -15.81 -6.13
N PRO B 318 -4.74 -15.94 -6.47
CA PRO B 318 -3.83 -14.79 -6.47
C PRO B 318 -4.21 -13.78 -7.56
N LEU B 319 -3.99 -12.51 -7.29
CA LEU B 319 -4.29 -11.48 -8.26
C LEU B 319 -3.38 -11.67 -9.48
N ASP B 320 -3.97 -11.69 -10.66
CA ASP B 320 -3.17 -11.85 -11.87
C ASP B 320 -3.25 -10.52 -12.61
N LEU B 321 -2.33 -9.60 -12.31
CA LEU B 321 -2.32 -8.28 -12.95
C LEU B 321 -2.21 -8.28 -14.47
N ALA B 322 -1.29 -9.07 -15.01
CA ALA B 322 -1.13 -9.12 -16.45
C ALA B 322 -2.49 -9.42 -17.09
N GLN B 323 -3.20 -10.38 -16.52
CA GLN B 323 -4.52 -10.76 -16.99
C GLN B 323 -5.47 -9.55 -16.91
N VAL B 324 -5.59 -8.94 -15.72
CA VAL B 324 -6.46 -7.77 -15.57
C VAL B 324 -6.08 -6.74 -16.62
N SER B 325 -4.78 -6.52 -16.80
CA SER B 325 -4.26 -5.62 -17.82
C SER B 325 -4.55 -4.13 -17.79
N THR B 326 -5.80 -3.73 -17.59
CA THR B 326 -6.11 -2.31 -17.58
C THR B 326 -6.88 -1.83 -16.34
N LEU B 327 -6.53 -0.66 -15.84
CA LEU B 327 -7.20 -0.08 -14.67
C LEU B 327 -7.49 1.38 -15.02
N THR B 328 -8.76 1.79 -14.93
CA THR B 328 -9.14 3.16 -15.28
C THR B 328 -9.67 3.98 -14.12
N PHE B 329 -9.54 5.31 -14.24
CA PHE B 329 -9.98 6.22 -13.20
C PHE B 329 -10.56 7.51 -13.76
N HIS B 330 -11.70 7.92 -13.21
CA HIS B 330 -12.34 9.16 -13.63
C HIS B 330 -13.21 9.67 -12.48
N LYS B 331 -13.44 10.97 -12.47
CA LYS B 331 -14.22 11.62 -11.43
C LYS B 331 -15.72 11.48 -11.72
N PRO B 332 -16.50 11.15 -10.70
CA PRO B 332 -17.95 11.01 -10.91
C PRO B 332 -18.60 12.37 -11.20
N SER B 333 -19.72 12.34 -11.89
CA SER B 333 -20.42 13.59 -12.20
C SER B 333 -21.44 13.84 -11.09
N LEU B 334 -21.29 14.92 -10.33
CA LEU B 334 -22.23 15.24 -9.27
C LEU B 334 -23.60 15.62 -9.84
N GLU B 335 -23.64 15.91 -11.13
CA GLU B 335 -24.89 16.27 -11.80
C GLU B 335 -25.72 15.00 -12.01
N HIS B 336 -25.05 13.91 -12.35
CA HIS B 336 -25.72 12.63 -12.57
C HIS B 336 -25.91 11.87 -11.26
N PHE B 337 -25.02 12.11 -10.32
CA PHE B 337 -25.08 11.43 -9.03
C PHE B 337 -25.10 12.43 -7.89
N PRO B 338 -26.13 13.30 -7.88
CA PRO B 338 -26.31 14.34 -6.85
C PRO B 338 -26.33 13.84 -5.41
N CYS B 339 -26.53 12.54 -5.20
CA CYS B 339 -26.54 12.05 -3.82
C CYS B 339 -25.16 12.21 -3.18
N ILE B 340 -24.12 12.16 -4.00
CA ILE B 340 -22.76 12.32 -3.47
C ILE B 340 -22.57 13.70 -2.86
N LYS B 341 -23.08 14.71 -3.55
CA LYS B 341 -22.96 16.07 -3.07
C LYS B 341 -23.72 16.25 -1.77
N LEU B 342 -24.90 15.65 -1.68
CA LEU B 342 -25.73 15.75 -0.49
C LEU B 342 -25.01 15.12 0.72
N ALA B 343 -24.27 14.06 0.50
CA ALA B 343 -23.54 13.39 1.56
C ALA B 343 -22.46 14.33 2.09
N TYR B 344 -21.73 14.96 1.18
CA TYR B 344 -20.69 15.89 1.59
C TYR B 344 -21.26 17.07 2.38
N GLN B 345 -22.36 17.64 1.90
CA GLN B 345 -22.98 18.78 2.57
C GLN B 345 -23.47 18.40 3.97
N ALA B 346 -24.17 17.27 4.08
CA ALA B 346 -24.64 16.85 5.40
C ALA B 346 -23.42 16.60 6.29
N GLY B 347 -22.39 15.97 5.72
CA GLY B 347 -21.18 15.68 6.48
C GLY B 347 -20.48 16.93 6.97
N ILE B 348 -20.36 17.91 6.08
CA ILE B 348 -19.70 19.16 6.42
C ILE B 348 -20.51 19.96 7.46
N LYS B 349 -21.83 19.88 7.41
CA LYS B 349 -22.68 20.57 8.38
C LYS B 349 -22.55 19.88 9.74
N GLY B 350 -22.27 18.58 9.70
CA GLY B 350 -22.12 17.81 10.92
C GLY B 350 -23.40 17.73 11.73
N ASN B 351 -23.25 17.79 13.06
CA ASN B 351 -24.39 17.73 13.97
C ASN B 351 -25.16 16.45 13.65
N PHE B 352 -26.47 16.54 13.48
CA PHE B 352 -27.24 15.34 13.18
C PHE B 352 -27.63 15.22 11.70
N TYR B 353 -27.05 16.06 10.85
CA TYR B 353 -27.36 16.01 9.44
C TYR B 353 -27.01 14.65 8.85
N PRO B 354 -25.83 14.09 9.20
CA PRO B 354 -25.50 12.77 8.65
C PRO B 354 -26.60 11.78 9.06
N THR B 355 -27.12 11.93 10.28
CA THR B 355 -28.20 11.05 10.75
C THR B 355 -29.46 11.23 9.94
N VAL B 356 -29.75 12.46 9.54
CA VAL B 356 -30.94 12.76 8.74
C VAL B 356 -30.77 12.24 7.32
N LEU B 357 -29.56 12.40 6.80
CA LEU B 357 -29.22 11.95 5.45
C LEU B 357 -29.54 10.46 5.32
N ASN B 358 -29.00 9.67 6.25
CA ASN B 358 -29.17 8.24 6.24
C ASN B 358 -30.62 7.79 6.42
N ALA B 359 -31.33 8.41 7.35
CA ALA B 359 -32.71 8.02 7.59
C ALA B 359 -33.59 8.32 6.38
N SER B 360 -33.47 9.51 5.82
CA SER B 360 -34.27 9.88 4.66
C SER B 360 -33.89 9.00 3.45
N ASN B 361 -32.63 8.60 3.35
CA ASN B 361 -32.23 7.73 2.25
C ASN B 361 -32.86 6.36 2.40
N GLU B 362 -32.99 5.86 3.63
CA GLU B 362 -33.59 4.53 3.81
C GLU B 362 -34.99 4.56 3.20
N ILE B 363 -35.68 5.68 3.39
CA ILE B 363 -37.02 5.82 2.86
C ILE B 363 -37.01 5.99 1.34
N ALA B 364 -36.29 6.99 0.86
CA ALA B 364 -36.21 7.23 -0.58
C ALA B 364 -35.76 5.98 -1.33
N ASN B 365 -34.78 5.27 -0.76
CA ASN B 365 -34.22 4.05 -1.34
C ASN B 365 -35.30 2.99 -1.55
N ASN B 366 -36.04 2.70 -0.47
CA ASN B 366 -37.09 1.70 -0.53
C ASN B 366 -38.20 2.09 -1.49
N LEU B 367 -38.53 3.38 -1.54
CA LEU B 367 -39.56 3.86 -2.44
C LEU B 367 -39.14 3.57 -3.88
N PHE B 368 -37.87 3.82 -4.20
CA PHE B 368 -37.36 3.57 -5.55
C PHE B 368 -37.34 2.07 -5.83
N LEU B 369 -36.90 1.29 -4.86
CA LEU B 369 -36.85 -0.16 -5.01
C LEU B 369 -38.22 -0.67 -5.41
N ASN B 370 -39.25 -0.16 -4.72
CA ASN B 370 -40.62 -0.58 -4.97
C ASN B 370 -41.37 0.20 -6.06
N ASN B 371 -40.62 0.86 -6.94
CA ASN B 371 -41.21 1.61 -8.06
C ASN B 371 -42.20 2.71 -7.70
N LYS B 372 -41.99 3.37 -6.56
CA LYS B 372 -42.86 4.45 -6.14
C LYS B 372 -42.37 5.80 -6.61
N ILE B 373 -41.06 5.93 -6.85
CA ILE B 373 -40.50 7.20 -7.32
C ILE B 373 -39.39 7.00 -8.36
N LYS B 374 -39.04 8.07 -9.07
CA LYS B 374 -38.00 8.01 -10.09
C LYS B 374 -36.64 8.34 -9.48
N TYR B 375 -35.59 8.02 -10.23
CA TYR B 375 -34.21 8.25 -9.83
C TYR B 375 -33.89 9.59 -9.16
N PHE B 376 -34.28 10.69 -9.79
CA PHE B 376 -33.98 11.99 -9.23
C PHE B 376 -34.86 12.38 -8.08
N ASP B 377 -35.97 11.65 -7.89
CA ASP B 377 -36.85 11.93 -6.77
C ASP B 377 -36.12 11.50 -5.50
N ILE B 378 -35.24 10.52 -5.63
CA ILE B 378 -34.49 10.04 -4.47
C ILE B 378 -33.69 11.16 -3.80
N SER B 379 -32.84 11.83 -4.57
CA SER B 379 -32.03 12.92 -4.04
C SER B 379 -32.87 14.12 -3.63
N SER B 380 -33.90 14.41 -4.41
CA SER B 380 -34.78 15.54 -4.10
C SER B 380 -35.43 15.39 -2.73
N ILE B 381 -35.96 14.20 -2.46
CA ILE B 381 -36.61 13.91 -1.18
C ILE B 381 -35.61 14.10 -0.05
N ILE B 382 -34.43 13.50 -0.22
CA ILE B 382 -33.35 13.58 0.75
C ILE B 382 -32.92 15.03 0.96
N SER B 383 -32.87 15.79 -0.12
CA SER B 383 -32.47 17.18 -0.07
C SER B 383 -33.44 17.99 0.78
N GLN B 384 -34.72 17.75 0.57
CA GLN B 384 -35.75 18.46 1.29
C GLN B 384 -35.74 18.18 2.79
N VAL B 385 -35.48 16.93 3.17
CA VAL B 385 -35.44 16.58 4.58
C VAL B 385 -34.24 17.24 5.24
N LEU B 386 -33.09 17.22 4.56
CA LEU B 386 -31.88 17.86 5.09
C LEU B 386 -32.09 19.35 5.30
N GLU B 387 -32.86 19.97 4.40
CA GLU B 387 -33.16 21.40 4.47
C GLU B 387 -34.13 21.75 5.59
N SER B 388 -35.03 20.82 5.90
CA SER B 388 -36.02 21.04 6.95
C SER B 388 -35.46 20.91 8.35
N PHE B 389 -34.53 19.99 8.53
CA PHE B 389 -33.93 19.74 9.84
C PHE B 389 -33.12 20.91 10.41
N ASN B 390 -33.34 21.20 11.70
CA ASN B 390 -32.61 22.27 12.39
C ASN B 390 -31.64 21.63 13.37
N SER B 391 -30.39 22.10 13.37
CA SER B 391 -29.38 21.55 14.26
C SER B 391 -29.83 21.64 15.71
N GLN B 392 -29.56 20.57 16.46
CA GLN B 392 -29.91 20.49 17.87
C GLN B 392 -28.66 20.36 18.71
N LYS B 393 -28.74 20.82 19.97
CA LYS B 393 -27.60 20.72 20.87
C LYS B 393 -27.31 19.24 21.11
N VAL B 394 -26.05 18.85 20.92
CA VAL B 394 -25.64 17.48 21.11
C VAL B 394 -25.65 17.13 22.60
N SER B 395 -26.50 16.17 22.98
CA SER B 395 -26.58 15.75 24.37
C SER B 395 -25.19 15.48 24.93
N GLU B 396 -25.05 15.62 26.24
CA GLU B 396 -23.76 15.43 26.90
C GLU B 396 -23.38 13.98 27.22
N ASN B 397 -24.33 13.17 27.66
CA ASN B 397 -24.04 11.78 27.99
C ASN B 397 -24.62 10.82 26.95
N SER B 398 -23.93 9.70 26.75
CA SER B 398 -24.32 8.68 25.78
C SER B 398 -25.78 8.25 25.80
N GLU B 399 -26.33 8.04 27.00
CA GLU B 399 -27.72 7.61 27.13
C GLU B 399 -28.68 8.55 26.42
N ASP B 400 -28.59 9.84 26.72
CA ASP B 400 -29.46 10.82 26.10
C ASP B 400 -29.13 11.03 24.63
N LEU B 401 -27.85 11.02 24.31
CA LEU B 401 -27.40 11.21 22.93
C LEU B 401 -27.97 10.11 22.05
N MET B 402 -28.16 8.93 22.64
CA MET B 402 -28.69 7.77 21.94
C MET B 402 -30.18 7.97 21.63
N LYS B 403 -30.94 8.39 22.64
CA LYS B 403 -32.36 8.60 22.45
C LYS B 403 -32.61 9.77 21.50
N GLN B 404 -31.64 10.67 21.42
CA GLN B 404 -31.75 11.84 20.54
C GLN B 404 -31.58 11.36 19.11
N ILE B 405 -30.54 10.55 18.89
CA ILE B 405 -30.25 10.00 17.56
C ILE B 405 -31.47 9.22 17.09
N LEU B 406 -32.07 8.43 17.98
CA LEU B 406 -33.24 7.65 17.63
C LEU B 406 -34.41 8.56 17.25
N GLN B 407 -34.66 9.58 18.07
CA GLN B 407 -35.74 10.52 17.81
C GLN B 407 -35.60 11.25 16.47
N ILE B 408 -34.38 11.71 16.17
CA ILE B 408 -34.11 12.43 14.94
C ILE B 408 -34.21 11.48 13.74
N HIS B 409 -33.77 10.24 13.94
CA HIS B 409 -33.82 9.23 12.89
C HIS B 409 -35.27 8.98 12.49
N SER B 410 -36.12 8.70 13.48
CA SER B 410 -37.54 8.46 13.22
C SER B 410 -38.17 9.67 12.55
N TRP B 411 -37.85 10.85 13.05
CA TRP B 411 -38.40 12.07 12.49
C TRP B 411 -38.02 12.24 11.01
N ALA B 412 -36.75 12.03 10.68
CA ALA B 412 -36.29 12.16 9.29
C ALA B 412 -37.04 11.18 8.38
N LYS B 413 -37.27 9.96 8.85
CA LYS B 413 -38.00 8.98 8.06
C LYS B 413 -39.46 9.39 7.87
N ASP B 414 -40.12 9.83 8.93
CA ASP B 414 -41.52 10.25 8.78
C ASP B 414 -41.60 11.43 7.82
N LYS B 415 -40.63 12.34 7.92
CA LYS B 415 -40.60 13.51 7.05
C LYS B 415 -40.42 13.10 5.59
N ALA B 416 -39.54 12.13 5.33
CA ALA B 416 -39.32 11.67 3.97
C ALA B 416 -40.61 11.10 3.43
N THR B 417 -41.21 10.19 4.19
CA THR B 417 -42.46 9.58 3.79
C THR B 417 -43.51 10.67 3.52
N ASP B 418 -43.59 11.65 4.41
CA ASP B 418 -44.55 12.74 4.26
C ASP B 418 -44.34 13.51 2.96
N ILE B 419 -43.10 13.86 2.63
CA ILE B 419 -42.80 14.58 1.40
C ILE B 419 -43.26 13.74 0.23
N TYR B 420 -43.07 12.44 0.36
CA TYR B 420 -43.49 11.51 -0.68
C TYR B 420 -45.01 11.46 -0.75
N ASN B 421 -45.66 11.25 0.40
CA ASN B 421 -47.12 11.16 0.45
C ASN B 421 -47.83 12.31 -0.25
N LYS B 422 -47.16 13.45 -0.37
CA LYS B 422 -47.73 14.56 -1.09
C LYS B 422 -47.48 14.31 -2.57
N HIS B 423 -47.35 13.01 -2.89
CA HIS B 423 -47.17 12.45 -4.25
C HIS B 423 -46.03 13.02 -5.09
N ASN B 424 -45.28 13.98 -4.57
CA ASN B 424 -44.21 14.57 -5.37
C ASN B 424 -44.22 14.10 -6.81
#